data_8JYT
#
_entry.id   8JYT
#
_cell.length_a   66.900
_cell.length_b   68.570
_cell.length_c   84.240
_cell.angle_alpha   76.25
_cell.angle_beta   67.75
_cell.angle_gamma   60.92
#
_symmetry.space_group_name_H-M   'P 1'
#
loop_
_entity.id
_entity.type
_entity.pdbx_description
1 polymer 'ancestra imine reductase'
2 non-polymer 'NADP NICOTINAMIDE-ADENINE-DINUCLEOTIDE PHOSPHATE'
3 water water
#
_entity_poly.entity_id   1
_entity_poly.type   'polypeptide(L)'
_entity_poly.pdbx_seq_one_letter_code
;MGHHHHHHMSNNQPVTVIGLGPMGQAMAGAFLAAGHPVTVWNRTPSKADALVAQGAVRAATVAEALAASELVVLSLTDYD
AMYAILEPAADALAGRVLVNLSSDTPERAREAAAWAAEHGARYLTGGVMVPPPGIGTPEAYVFYSGPREVFEAHRATLAV
LGGTDYVGEDPGLAQLYYQAQLDIFWTTMTAYLHATALVGSEGVPAEEFLPYATEMFDSMSFLEEMAEQIDAGEYPGDED
TLAMGAAGVDHIVHASRDAGIDTALPEAVKALFRRAIAAGHGEDSFTSLIEVLRKPA
;
_entity_poly.pdbx_strand_id   A,B,C,D
#
loop_
_chem_comp.id
_chem_comp.type
_chem_comp.name
_chem_comp.formula
NAP non-polymer 'NADP NICOTINAMIDE-ADENINE-DINUCLEOTIDE PHOSPHATE' 'C21 H28 N7 O17 P3'
#
# COMPACT_ATOMS: atom_id res chain seq x y z
N ASN A 12 11.61 -35.56 3.48
CA ASN A 12 11.61 -34.10 3.53
C ASN A 12 10.57 -33.67 4.58
N GLN A 13 9.98 -32.48 4.43
CA GLN A 13 9.05 -31.96 5.42
C GLN A 13 7.64 -32.47 5.11
N PRO A 14 7.05 -33.34 5.94
CA PRO A 14 5.72 -33.87 5.63
C PRO A 14 4.69 -32.76 5.64
N VAL A 15 3.62 -32.95 4.86
CA VAL A 15 2.48 -32.02 4.85
C VAL A 15 1.22 -32.85 4.64
N THR A 16 0.17 -32.54 5.41
CA THR A 16 -1.15 -33.11 5.22
C THR A 16 -2.07 -32.07 4.60
N VAL A 17 -2.88 -32.51 3.64
CA VAL A 17 -3.90 -31.66 3.03
C VAL A 17 -5.25 -32.31 3.27
N ILE A 18 -6.14 -31.60 3.95
CA ILE A 18 -7.51 -32.03 4.18
C ILE A 18 -8.41 -31.14 3.35
N GLY A 19 -9.22 -31.76 2.50
CA GLY A 19 -10.00 -31.03 1.53
C GLY A 19 -9.40 -31.19 0.15
N LEU A 20 -10.04 -31.98 -0.70
CA LEU A 20 -9.54 -32.29 -2.03
C LEU A 20 -10.53 -31.82 -3.09
N GLY A 21 -11.12 -30.66 -2.87
CA GLY A 21 -11.79 -29.97 -3.95
C GLY A 21 -10.76 -29.47 -4.94
N PRO A 22 -11.19 -28.66 -5.91
CA PRO A 22 -10.24 -28.13 -6.90
C PRO A 22 -9.00 -27.51 -6.28
N MET A 23 -9.15 -26.70 -5.22
CA MET A 23 -8.01 -26.02 -4.63
C MET A 23 -7.10 -26.97 -3.85
N GLY A 24 -7.70 -27.80 -2.99
CA GLY A 24 -6.90 -28.74 -2.21
C GLY A 24 -6.15 -29.72 -3.09
N GLN A 25 -6.78 -30.17 -4.17
CA GLN A 25 -6.10 -31.06 -5.12
C GLN A 25 -4.90 -30.36 -5.72
N ALA A 26 -5.05 -29.08 -6.08
CA ALA A 26 -3.94 -28.34 -6.66
C ALA A 26 -2.84 -28.10 -5.63
N MET A 27 -3.20 -27.86 -4.36
CA MET A 27 -2.19 -27.64 -3.34
C MET A 27 -1.39 -28.92 -3.08
N ALA A 28 -2.09 -30.03 -2.91
CA ALA A 28 -1.45 -31.32 -2.69
C ALA A 28 -0.51 -31.65 -3.85
N GLY A 29 -0.95 -31.43 -5.08
CA GLY A 29 -0.09 -31.69 -6.24
C GLY A 29 1.18 -30.86 -6.19
N ALA A 30 1.05 -29.59 -5.82
CA ALA A 30 2.21 -28.71 -5.73
C ALA A 30 3.18 -29.20 -4.66
N PHE A 31 2.66 -29.54 -3.48
CA PHE A 31 3.54 -30.05 -2.43
C PHE A 31 4.26 -31.30 -2.91
N LEU A 32 3.53 -32.20 -3.56
CA LEU A 32 4.11 -33.46 -4.02
C LEU A 32 5.16 -33.21 -5.10
N ALA A 33 4.84 -32.36 -6.08
CA ALA A 33 5.82 -32.05 -7.12
C ALA A 33 7.07 -31.40 -6.55
N ALA A 34 6.95 -30.72 -5.42
CA ALA A 34 8.08 -30.08 -4.77
C ALA A 34 8.87 -31.03 -3.89
N GLY A 35 8.50 -32.30 -3.84
CA GLY A 35 9.24 -33.30 -3.11
C GLY A 35 8.79 -33.52 -1.69
N HIS A 36 7.71 -32.91 -1.27
CA HIS A 36 7.30 -33.09 0.11
C HIS A 36 6.56 -34.43 0.23
N PRO A 37 6.74 -35.14 1.36
CA PRO A 37 5.83 -36.26 1.69
C PRO A 37 4.45 -35.68 1.98
N VAL A 38 3.42 -36.16 1.26
CA VAL A 38 2.08 -35.57 1.32
C VAL A 38 1.05 -36.63 1.64
N THR A 39 0.29 -36.41 2.72
CA THR A 39 -0.83 -37.23 3.13
C THR A 39 -2.12 -36.44 2.93
N VAL A 40 -3.15 -37.10 2.39
CA VAL A 40 -4.38 -36.41 2.01
C VAL A 40 -5.59 -37.13 2.60
N TRP A 41 -6.65 -36.37 2.83
CA TRP A 41 -7.91 -36.93 3.29
C TRP A 41 -9.06 -36.11 2.68
N ASN A 42 -10.13 -36.80 2.30
CA ASN A 42 -11.30 -36.12 1.79
C ASN A 42 -12.54 -36.96 2.08
N ARG A 43 -13.65 -36.28 2.36
CA ARG A 43 -14.90 -36.99 2.65
C ARG A 43 -15.29 -37.89 1.47
N THR A 44 -15.00 -37.45 0.23
CA THR A 44 -15.23 -38.24 -0.97
C THR A 44 -13.89 -38.82 -1.42
N PRO A 45 -13.56 -40.07 -1.08
CA PRO A 45 -12.18 -40.54 -1.26
C PRO A 45 -11.75 -40.63 -2.72
N SER A 46 -12.69 -40.75 -3.66
CA SER A 46 -12.32 -40.86 -5.06
C SER A 46 -11.48 -39.68 -5.53
N LYS A 47 -11.62 -38.51 -4.90
CA LYS A 47 -10.91 -37.32 -5.36
C LYS A 47 -9.43 -37.35 -5.02
N ALA A 48 -8.96 -38.35 -4.28
CA ALA A 48 -7.56 -38.51 -3.97
C ALA A 48 -6.87 -39.54 -4.87
N ASP A 49 -7.62 -40.19 -5.76
CA ASP A 49 -7.06 -41.29 -6.54
C ASP A 49 -5.88 -40.83 -7.36
N ALA A 50 -6.05 -39.74 -8.11
CA ALA A 50 -4.99 -39.28 -9.02
C ALA A 50 -3.75 -38.89 -8.24
N LEU A 51 -3.93 -38.24 -7.08
CA LEU A 51 -2.79 -37.87 -6.25
C LEU A 51 -2.10 -39.10 -5.66
N VAL A 52 -2.88 -40.06 -5.18
CA VAL A 52 -2.29 -41.26 -4.58
C VAL A 52 -1.50 -42.02 -5.64
N ALA A 53 -1.98 -42.03 -6.88
CA ALA A 53 -1.27 -42.69 -7.96
C ALA A 53 0.07 -42.04 -8.26
N GLN A 54 0.32 -40.83 -7.73
CA GLN A 54 1.56 -40.11 -7.97
C GLN A 54 2.45 -40.04 -6.74
N GLY A 55 2.05 -40.66 -5.63
CA GLY A 55 2.90 -40.74 -4.46
C GLY A 55 2.23 -40.30 -3.18
N ALA A 56 1.04 -39.71 -3.30
CA ALA A 56 0.34 -39.27 -2.10
C ALA A 56 -0.17 -40.47 -1.30
N VAL A 57 -0.21 -40.30 0.01
CA VAL A 57 -0.75 -41.30 0.93
C VAL A 57 -2.18 -40.91 1.30
N ARG A 58 -3.11 -41.82 1.09
CA ARG A 58 -4.50 -41.62 1.51
C ARG A 58 -4.61 -42.04 2.96
N ALA A 59 -4.78 -41.08 3.86
CA ALA A 59 -5.08 -41.40 5.25
C ALA A 59 -6.42 -42.11 5.33
N ALA A 60 -6.49 -43.15 6.18
CA ALA A 60 -7.73 -43.90 6.33
C ALA A 60 -8.71 -43.18 7.24
N THR A 61 -8.19 -42.30 8.10
CA THR A 61 -9.00 -41.58 9.07
C THR A 61 -8.51 -40.15 9.11
N VAL A 62 -9.40 -39.24 9.51
CA VAL A 62 -9.00 -37.85 9.69
C VAL A 62 -7.87 -37.76 10.72
N ALA A 63 -8.00 -38.50 11.83
CA ALA A 63 -7.00 -38.44 12.89
C ALA A 63 -5.63 -38.92 12.42
N GLU A 64 -5.61 -39.99 11.63
CA GLU A 64 -4.34 -40.44 11.06
C GLU A 64 -3.76 -39.42 10.09
N ALA A 65 -4.61 -38.68 9.37
CA ALA A 65 -4.13 -37.59 8.54
C ALA A 65 -3.46 -36.51 9.39
N LEU A 66 -4.07 -36.16 10.53
CA LEU A 66 -3.48 -35.18 11.42
C LEU A 66 -2.14 -35.66 11.97
N ALA A 67 -2.07 -36.95 12.32
CA ALA A 67 -0.86 -37.47 12.92
C ALA A 67 0.28 -37.60 11.92
N ALA A 68 -0.05 -37.73 10.63
CA ALA A 68 0.97 -37.99 9.62
C ALA A 68 1.93 -36.81 9.46
N SER A 69 1.48 -35.59 9.74
CA SER A 69 2.31 -34.41 9.53
C SER A 69 1.98 -33.35 10.57
N GLU A 70 3.00 -32.65 11.04
CA GLU A 70 2.76 -31.51 11.91
C GLU A 70 2.01 -30.40 11.16
N LEU A 71 2.36 -30.17 9.90
CA LEU A 71 1.74 -29.13 9.08
C LEU A 71 0.52 -29.70 8.38
N VAL A 72 -0.65 -29.15 8.68
CA VAL A 72 -1.93 -29.63 8.18
C VAL A 72 -2.59 -28.47 7.45
N VAL A 73 -2.69 -28.57 6.13
CA VAL A 73 -3.34 -27.55 5.31
C VAL A 73 -4.78 -27.95 5.09
N LEU A 74 -5.70 -27.04 5.37
CA LEU A 74 -7.12 -27.25 5.19
C LEU A 74 -7.60 -26.42 4.01
N SER A 75 -8.37 -27.04 3.11
CA SER A 75 -8.93 -26.34 1.95
C SER A 75 -10.36 -26.88 1.79
N LEU A 76 -11.31 -26.23 2.47
CA LEU A 76 -12.69 -26.69 2.57
C LEU A 76 -13.62 -25.53 2.22
N THR A 77 -14.88 -25.87 1.99
CA THR A 77 -15.88 -24.87 1.61
C THR A 77 -15.88 -23.71 2.59
N ASP A 78 -16.14 -24.01 3.87
CA ASP A 78 -16.20 -23.00 4.92
C ASP A 78 -15.66 -23.62 6.21
N TYR A 79 -15.71 -22.83 7.29
CA TYR A 79 -15.26 -23.33 8.58
C TYR A 79 -16.22 -24.36 9.18
N ASP A 80 -17.49 -24.34 8.78
CA ASP A 80 -18.41 -25.38 9.23
C ASP A 80 -17.94 -26.75 8.77
N ALA A 81 -17.46 -26.84 7.53
CA ALA A 81 -16.90 -28.09 7.03
C ALA A 81 -15.70 -28.53 7.87
N MET A 82 -14.87 -27.57 8.30
CA MET A 82 -13.74 -27.89 9.16
C MET A 82 -14.18 -28.55 10.46
N TYR A 83 -15.09 -27.90 11.18
CA TYR A 83 -15.52 -28.45 12.47
C TYR A 83 -16.17 -29.81 12.29
N ALA A 84 -16.98 -29.97 11.25
CA ALA A 84 -17.59 -31.27 11.00
C ALA A 84 -16.52 -32.35 10.81
N ILE A 85 -15.43 -32.01 10.13
CA ILE A 85 -14.38 -32.97 9.84
C ILE A 85 -13.49 -33.21 11.05
N LEU A 86 -13.10 -32.13 11.73
CA LEU A 86 -12.03 -32.21 12.70
C LEU A 86 -12.52 -32.48 14.11
N GLU A 87 -13.73 -32.05 14.46
CA GLU A 87 -14.20 -32.22 15.84
C GLU A 87 -14.19 -33.68 16.25
N PRO A 88 -14.71 -34.63 15.48
CA PRO A 88 -14.64 -36.04 15.89
C PRO A 88 -13.22 -36.54 16.11
N ALA A 89 -12.21 -35.78 15.67
CA ALA A 89 -10.81 -36.18 15.77
C ALA A 89 -9.98 -35.13 16.51
N ALA A 90 -10.62 -34.35 17.38
CA ALA A 90 -9.94 -33.22 17.97
C ALA A 90 -8.76 -33.63 18.85
N ASP A 91 -8.75 -34.85 19.39
CA ASP A 91 -7.66 -35.27 20.25
C ASP A 91 -6.35 -35.47 19.49
N ALA A 92 -6.42 -35.61 18.18
CA ALA A 92 -5.22 -35.73 17.34
C ALA A 92 -4.65 -34.39 16.92
N LEU A 93 -5.30 -33.28 17.26
CA LEU A 93 -4.79 -31.96 16.91
C LEU A 93 -3.55 -31.58 17.71
N ALA A 94 -3.25 -32.31 18.77
CA ALA A 94 -2.14 -31.95 19.64
C ALA A 94 -0.83 -31.88 18.86
N GLY A 95 -0.12 -30.77 19.03
CA GLY A 95 1.18 -30.58 18.41
C GLY A 95 1.13 -30.21 16.96
N ARG A 96 -0.04 -30.17 16.34
CA ARG A 96 -0.18 -29.91 14.90
C ARG A 96 -0.24 -28.40 14.68
N VAL A 97 0.09 -28.01 13.45
CA VAL A 97 -0.07 -26.64 13.00
C VAL A 97 -1.15 -26.67 11.92
N LEU A 98 -2.30 -26.08 12.23
CA LEU A 98 -3.40 -25.98 11.27
C LEU A 98 -3.22 -24.73 10.43
N VAL A 99 -3.22 -24.88 9.11
CA VAL A 99 -3.14 -23.75 8.19
C VAL A 99 -4.43 -23.81 7.41
N ASN A 100 -5.41 -23.01 7.82
CA ASN A 100 -6.73 -23.01 7.21
C ASN A 100 -6.75 -22.01 6.05
N LEU A 101 -6.78 -22.52 4.83
CA LEU A 101 -6.82 -21.71 3.61
C LEU A 101 -8.25 -21.59 3.10
N SER A 102 -9.23 -21.87 3.95
CA SER A 102 -10.63 -21.82 3.57
C SER A 102 -11.17 -20.41 3.77
N SER A 103 -12.08 -20.00 2.90
CA SER A 103 -12.64 -18.65 2.96
C SER A 103 -13.73 -18.60 4.02
N ASP A 104 -13.64 -17.62 4.91
CA ASP A 104 -14.65 -17.42 5.96
C ASP A 104 -14.37 -16.05 6.60
N THR A 105 -15.04 -15.76 7.74
CA THR A 105 -14.93 -14.41 8.27
C THR A 105 -13.72 -14.29 9.18
N PRO A 106 -13.21 -13.06 9.35
CA PRO A 106 -12.15 -12.85 10.33
C PRO A 106 -12.55 -13.35 11.72
N GLU A 107 -13.82 -13.19 12.12
CA GLU A 107 -14.23 -13.64 13.45
C GLU A 107 -14.22 -15.16 13.56
N ARG A 108 -14.68 -15.86 12.50
CA ARG A 108 -14.64 -17.31 12.50
C ARG A 108 -13.21 -17.81 12.53
N ALA A 109 -12.28 -17.04 11.98
CA ALA A 109 -10.88 -17.42 12.07
C ALA A 109 -10.38 -17.29 13.51
N ARG A 110 -10.72 -16.18 14.17
CA ARG A 110 -10.30 -16.00 15.55
C ARG A 110 -10.88 -17.09 16.43
N GLU A 111 -12.15 -17.46 16.20
CA GLU A 111 -12.79 -18.51 16.98
C GLU A 111 -12.08 -19.84 16.77
N ALA A 112 -11.77 -20.17 15.52
CA ALA A 112 -11.13 -21.44 15.23
C ALA A 112 -9.75 -21.50 15.84
N ALA A 113 -9.03 -20.38 15.85
CA ALA A 113 -7.71 -20.38 16.46
C ALA A 113 -7.79 -20.70 17.94
N ALA A 114 -8.80 -20.15 18.62
CA ALA A 114 -9.01 -20.45 20.03
C ALA A 114 -9.41 -21.91 20.24
N TRP A 115 -10.29 -22.45 19.38
CA TRP A 115 -10.65 -23.85 19.46
C TRP A 115 -9.43 -24.74 19.22
N ALA A 116 -8.61 -24.41 18.23
CA ALA A 116 -7.42 -25.23 17.98
C ALA A 116 -6.50 -25.25 19.19
N ALA A 117 -6.30 -24.09 19.82
CA ALA A 117 -5.44 -24.03 21.01
C ALA A 117 -6.01 -24.86 22.15
N GLU A 118 -7.34 -24.91 22.29
CA GLU A 118 -7.95 -25.77 23.30
C GLU A 118 -7.58 -27.23 23.10
N HIS A 119 -7.16 -27.62 21.90
CA HIS A 119 -6.81 -28.99 21.57
C HIS A 119 -5.32 -29.14 21.33
N GLY A 120 -4.53 -28.15 21.71
CA GLY A 120 -3.08 -28.29 21.62
C GLY A 120 -2.49 -28.00 20.26
N ALA A 121 -3.24 -27.36 19.37
CA ALA A 121 -2.81 -27.08 18.01
C ALA A 121 -2.57 -25.59 17.82
N ARG A 122 -1.54 -25.26 17.07
CA ARG A 122 -1.32 -23.90 16.62
C ARG A 122 -2.12 -23.66 15.33
N TYR A 123 -2.31 -22.39 14.98
CA TYR A 123 -3.24 -22.02 13.92
C TYR A 123 -2.72 -20.85 13.11
N LEU A 124 -2.64 -21.05 11.80
CA LEU A 124 -2.33 -19.98 10.85
C LEU A 124 -3.50 -19.84 9.89
N THR A 125 -3.97 -18.61 9.71
CA THR A 125 -5.03 -18.33 8.78
C THR A 125 -4.42 -17.96 7.44
N GLY A 126 -5.03 -18.42 6.38
CA GLY A 126 -4.57 -18.06 5.07
C GLY A 126 -5.71 -17.64 4.15
N GLY A 127 -5.38 -16.72 3.25
CA GLY A 127 -6.29 -16.33 2.19
C GLY A 127 -5.66 -16.38 0.82
N VAL A 128 -6.16 -17.29 -0.01
CA VAL A 128 -5.53 -17.62 -1.28
C VAL A 128 -6.13 -16.78 -2.39
N MET A 129 -5.29 -16.00 -3.06
CA MET A 129 -5.72 -15.01 -4.03
C MET A 129 -5.55 -15.47 -5.47
N VAL A 130 -5.62 -16.77 -5.72
CA VAL A 130 -5.54 -17.33 -7.08
C VAL A 130 -6.51 -18.48 -7.20
N PRO A 131 -6.98 -18.75 -8.41
CA PRO A 131 -7.76 -19.96 -8.66
C PRO A 131 -6.86 -21.19 -8.69
N PRO A 132 -7.43 -22.39 -8.71
CA PRO A 132 -6.61 -23.61 -8.59
C PRO A 132 -5.51 -23.68 -9.64
N PRO A 133 -5.80 -23.32 -10.88
CA PRO A 133 -4.74 -23.31 -11.88
C PRO A 133 -3.58 -22.40 -11.52
N GLY A 134 -3.80 -21.42 -10.65
CA GLY A 134 -2.76 -20.48 -10.26
C GLY A 134 -1.84 -20.92 -9.17
N ILE A 135 -2.19 -21.96 -8.41
CA ILE A 135 -1.32 -22.47 -7.38
C ILE A 135 0.01 -22.88 -7.99
N GLY A 136 1.10 -22.62 -7.27
CA GLY A 136 2.41 -23.05 -7.69
C GLY A 136 3.17 -22.05 -8.54
N THR A 137 2.46 -21.19 -9.27
CA THR A 137 3.14 -20.08 -9.92
C THR A 137 3.81 -19.23 -8.84
N PRO A 138 5.02 -18.72 -9.07
CA PRO A 138 5.56 -17.72 -8.13
C PRO A 138 4.72 -16.45 -8.11
N GLU A 139 3.92 -16.22 -9.17
CA GLU A 139 3.06 -15.04 -9.31
C GLU A 139 1.78 -15.13 -8.48
N ALA A 140 1.48 -16.28 -7.87
CA ALA A 140 0.39 -16.38 -6.92
C ALA A 140 0.85 -15.88 -5.55
N TYR A 141 -0.12 -15.58 -4.68
CA TYR A 141 0.21 -15.18 -3.31
C TYR A 141 -0.93 -15.54 -2.38
N VAL A 142 -0.57 -15.69 -1.10
CA VAL A 142 -1.49 -16.13 -0.06
C VAL A 142 -1.25 -15.23 1.16
N PHE A 143 -2.31 -14.60 1.66
CA PHE A 143 -2.23 -13.87 2.92
C PHE A 143 -2.09 -14.88 4.06
N TYR A 144 -1.22 -14.57 5.03
CA TYR A 144 -1.07 -15.39 6.24
C TYR A 144 -1.12 -14.52 7.50
N SER A 145 -1.81 -15.01 8.53
CA SER A 145 -1.81 -14.36 9.83
C SER A 145 -1.85 -15.41 10.93
N GLY A 146 -1.34 -15.01 12.11
CA GLY A 146 -1.16 -15.92 13.22
C GLY A 146 0.22 -15.76 13.82
N PRO A 147 0.59 -16.66 14.72
CA PRO A 147 1.90 -16.54 15.39
C PRO A 147 3.04 -16.44 14.38
N ARG A 148 3.82 -15.37 14.50
CA ARG A 148 4.92 -15.11 13.54
C ARG A 148 5.95 -16.24 13.58
N GLU A 149 6.20 -16.87 14.72
CA GLU A 149 7.17 -17.96 14.79
C GLU A 149 6.65 -19.22 14.08
N VAL A 150 5.34 -19.44 14.13
CA VAL A 150 4.77 -20.59 13.44
C VAL A 150 4.81 -20.38 11.94
N PHE A 151 4.45 -19.18 11.47
CA PHE A 151 4.57 -18.88 10.06
C PHE A 151 6.02 -18.99 9.61
N GLU A 152 6.96 -18.45 10.40
CA GLU A 152 8.36 -18.42 9.99
C GLU A 152 8.94 -19.82 9.87
N ALA A 153 8.45 -20.76 10.67
CA ALA A 153 8.97 -22.12 10.65
C ALA A 153 8.42 -22.97 9.50
N HIS A 154 7.31 -22.55 8.89
CA HIS A 154 6.64 -23.35 7.84
C HIS A 154 6.55 -22.57 6.53
N ALA A 156 8.49 -22.14 4.20
CA ALA A 156 9.15 -22.82 3.06
C ALA A 156 8.19 -23.76 2.36
N THR A 157 7.49 -24.61 3.12
CA THR A 157 6.49 -25.47 2.49
C THR A 157 5.36 -24.65 1.91
N LEU A 158 4.94 -23.61 2.64
CA LEU A 158 3.84 -22.79 2.18
C LEU A 158 4.18 -22.07 0.89
N ALA A 159 5.46 -21.70 0.73
CA ALA A 159 5.88 -21.00 -0.48
C ALA A 159 5.71 -21.84 -1.75
N VAL A 160 5.64 -23.17 -1.62
CA VAL A 160 5.33 -24.03 -2.76
C VAL A 160 4.05 -23.57 -3.46
N LEU A 161 3.09 -23.04 -2.70
CA LEU A 161 1.80 -22.64 -3.25
C LEU A 161 1.85 -21.26 -3.91
N GLY A 162 2.82 -20.44 -3.57
CA GLY A 162 2.90 -19.08 -4.06
C GLY A 162 3.50 -18.20 -2.99
N GLY A 163 3.51 -16.91 -3.28
CA GLY A 163 4.02 -15.94 -2.34
C GLY A 163 3.42 -16.09 -0.96
N THR A 164 4.23 -15.87 0.07
CA THR A 164 3.80 -15.95 1.47
C THR A 164 3.71 -14.52 2.00
N ASP A 165 2.49 -14.04 2.21
CA ASP A 165 2.25 -12.64 2.54
C ASP A 165 1.71 -12.53 3.96
N TYR A 166 2.62 -12.43 4.93
CA TYR A 166 2.27 -12.39 6.35
C TYR A 166 1.78 -11.02 6.72
N VAL A 167 0.59 -10.95 7.31
CA VAL A 167 -0.06 -9.68 7.60
C VAL A 167 -0.18 -9.39 9.10
N GLY A 168 0.17 -10.32 9.96
CA GLY A 168 0.18 -10.02 11.38
C GLY A 168 -0.23 -11.21 12.24
N GLU A 169 -0.23 -10.95 13.54
CA GLU A 169 -0.47 -12.01 14.51
C GLU A 169 -1.95 -12.35 14.66
N ASP A 170 -2.84 -11.37 14.49
CA ASP A 170 -4.27 -11.61 14.66
C ASP A 170 -4.73 -12.64 13.65
N PRO A 171 -5.27 -13.79 14.08
CA PRO A 171 -5.68 -14.80 13.09
C PRO A 171 -6.76 -14.32 12.15
N GLY A 172 -7.50 -13.26 12.49
CA GLY A 172 -8.49 -12.73 11.57
C GLY A 172 -7.92 -11.93 10.41
N LEU A 173 -6.68 -11.46 10.52
CA LEU A 173 -6.17 -10.50 9.56
C LEU A 173 -6.08 -11.08 8.15
N ALA A 174 -5.61 -12.32 8.00
CA ALA A 174 -5.46 -12.85 6.64
C ALA A 174 -6.80 -12.87 5.90
N GLN A 175 -7.87 -13.24 6.61
CA GLN A 175 -9.18 -13.25 6.00
C GLN A 175 -9.73 -11.85 5.83
N LEU A 176 -9.32 -10.91 6.69
CA LEU A 176 -9.73 -9.52 6.53
C LEU A 176 -9.17 -8.93 5.24
N TYR A 177 -7.87 -9.13 5.00
CA TYR A 177 -7.26 -8.70 3.74
C TYR A 177 -7.92 -9.39 2.55
N TYR A 178 -8.20 -10.69 2.68
CA TYR A 178 -8.80 -11.45 1.57
C TYR A 178 -10.21 -10.96 1.27
N GLN A 179 -11.05 -10.82 2.30
CA GLN A 179 -12.44 -10.38 2.08
C GLN A 179 -12.48 -8.97 1.51
N ALA A 180 -11.50 -8.13 1.88
CA ALA A 180 -11.43 -6.79 1.32
C ALA A 180 -11.03 -6.82 -0.15
N GLN A 181 -10.09 -7.68 -0.53
CA GLN A 181 -9.74 -7.81 -1.92
C GLN A 181 -10.92 -8.34 -2.73
N LEU A 182 -11.65 -9.32 -2.18
CA LEU A 182 -12.83 -9.84 -2.88
C LEU A 182 -13.98 -8.81 -2.90
N ASP A 183 -14.02 -7.94 -1.90
CA ASP A 183 -14.95 -6.82 -1.88
C ASP A 183 -14.73 -5.91 -3.08
N ILE A 184 -13.47 -5.59 -3.36
CA ILE A 184 -13.15 -4.83 -4.55
C ILE A 184 -13.49 -5.63 -5.80
N PHE A 185 -13.15 -6.92 -5.81
CA PHE A 185 -13.33 -7.71 -7.01
C PHE A 185 -14.79 -7.78 -7.42
N TRP A 186 -15.65 -8.29 -6.55
CA TRP A 186 -17.02 -8.53 -6.95
C TRP A 186 -17.77 -7.22 -7.20
N THR A 187 -17.54 -6.20 -6.39
CA THR A 187 -18.22 -4.92 -6.60
C THR A 187 -17.78 -4.28 -7.92
N THR A 188 -16.48 -4.30 -8.21
CA THR A 188 -15.98 -3.77 -9.48
C THR A 188 -16.49 -4.58 -10.66
N MET A 189 -16.55 -5.91 -10.51
CA MET A 189 -17.09 -6.73 -11.58
C MET A 189 -18.57 -6.40 -11.83
N THR A 190 -19.35 -6.24 -10.75
CA THR A 190 -20.75 -5.88 -10.89
C THR A 190 -20.90 -4.53 -11.59
N ALA A 191 -20.01 -3.59 -11.27
CA ALA A 191 -20.04 -2.29 -11.93
C ALA A 191 -19.73 -2.40 -13.41
N TYR A 192 -18.68 -3.15 -13.75
CA TYR A 192 -18.35 -3.35 -15.16
C TYR A 192 -19.52 -3.93 -15.93
N LEU A 193 -20.18 -4.94 -15.38
CA LEU A 193 -21.31 -5.57 -16.06
C LEU A 193 -22.50 -4.63 -16.16
N HIS A 194 -22.74 -3.83 -15.12
CA HIS A 194 -23.87 -2.91 -15.19
C HIS A 194 -23.62 -1.82 -16.24
N ALA A 195 -22.40 -1.27 -16.28
CA ALA A 195 -22.10 -0.24 -17.25
C ALA A 195 -22.12 -0.80 -18.65
N THR A 196 -21.68 -2.05 -18.80
CA THR A 196 -21.70 -2.70 -20.10
C THR A 196 -23.14 -2.92 -20.55
N ALA A 197 -24.03 -3.27 -19.60
CA ALA A 197 -25.43 -3.40 -19.91
C ALA A 197 -26.07 -2.06 -20.25
N LEU A 198 -25.61 -0.97 -19.62
CA LEU A 198 -26.15 0.35 -19.91
C LEU A 198 -25.87 0.77 -21.35
N VAL A 199 -24.62 0.68 -21.80
CA VAL A 199 -24.33 1.05 -23.19
C VAL A 199 -24.95 0.03 -24.15
N GLY A 200 -25.11 -1.21 -23.70
CA GLY A 200 -25.72 -2.24 -24.52
C GLY A 200 -27.19 -2.05 -24.76
N SER A 201 -27.85 -1.26 -23.90
CA SER A 201 -29.27 -1.01 -24.10
C SER A 201 -29.54 -0.43 -25.48
N GLU A 202 -28.57 0.32 -26.04
CA GLU A 202 -28.69 0.89 -27.38
C GLU A 202 -27.96 0.07 -28.43
N GLY A 203 -27.57 -1.16 -28.09
CA GLY A 203 -26.94 -2.06 -29.02
C GLY A 203 -25.45 -1.94 -29.16
N VAL A 204 -24.77 -1.31 -28.22
CA VAL A 204 -23.31 -1.21 -28.26
C VAL A 204 -22.77 -2.52 -27.73
N PRO A 205 -22.00 -3.27 -28.53
CA PRO A 205 -21.49 -4.56 -28.04
C PRO A 205 -20.50 -4.37 -26.90
N ALA A 206 -20.49 -5.34 -25.99
CA ALA A 206 -19.54 -5.31 -24.88
C ALA A 206 -18.11 -5.14 -25.37
N GLU A 207 -17.79 -5.75 -26.52
CA GLU A 207 -16.44 -5.71 -27.05
C GLU A 207 -16.10 -4.36 -27.65
N GLU A 208 -17.11 -3.53 -27.94
CA GLU A 208 -16.84 -2.16 -28.39
C GLU A 208 -16.61 -1.24 -27.20
N PHE A 209 -17.33 -1.44 -26.09
CA PHE A 209 -17.14 -0.58 -24.93
C PHE A 209 -15.92 -0.97 -24.11
N LEU A 210 -15.55 -2.24 -24.11
CA LEU A 210 -14.45 -2.72 -23.29
C LEU A 210 -13.19 -1.88 -23.42
N PRO A 211 -12.75 -1.51 -24.62
CA PRO A 211 -11.59 -0.60 -24.71
C PRO A 211 -11.75 0.64 -23.86
N TYR A 212 -12.95 1.23 -23.83
CA TYR A 212 -13.15 2.44 -23.04
C TYR A 212 -13.14 2.13 -21.54
N ALA A 213 -13.82 1.05 -21.13
CA ALA A 213 -13.78 0.65 -19.73
C ALA A 213 -12.37 0.35 -19.28
N THR A 214 -11.58 -0.33 -20.12
CA THR A 214 -10.20 -0.64 -19.77
C THR A 214 -9.40 0.63 -19.54
N GLU A 215 -9.60 1.64 -20.38
CA GLU A 215 -8.97 2.93 -20.16
C GLU A 215 -9.37 3.51 -18.81
N MET A 216 -10.66 3.47 -18.49
CA MET A 216 -11.13 3.96 -17.20
C MET A 216 -10.30 3.36 -16.05
N PHE A 217 -10.16 2.04 -16.04
CA PHE A 217 -9.43 1.39 -14.97
C PHE A 217 -7.96 1.77 -15.00
N ASP A 218 -7.38 1.86 -16.20
CA ASP A 218 -5.98 2.27 -16.33
C ASP A 218 -5.78 3.73 -15.95
N SER A 219 -6.84 4.53 -15.92
CA SER A 219 -6.76 5.93 -15.52
C SER A 219 -6.84 6.13 -14.01
N MET A 220 -7.19 5.08 -13.25
CA MET A 220 -7.24 5.15 -11.78
C MET A 220 -5.81 5.10 -11.23
N SER A 221 -5.15 6.26 -11.24
CA SER A 221 -3.76 6.40 -10.82
C SER A 221 -3.68 7.35 -9.65
N PHE A 222 -4.82 7.80 -9.15
CA PHE A 222 -4.83 8.69 -7.99
C PHE A 222 -5.15 8.04 -6.65
N LEU A 223 -5.27 6.71 -6.63
CA LEU A 223 -5.64 6.03 -5.41
C LEU A 223 -4.69 6.36 -4.28
N GLU A 224 -3.44 6.67 -4.61
CA GLU A 224 -2.48 7.06 -3.58
C GLU A 224 -2.90 8.37 -2.91
N GLU A 225 -3.29 9.37 -3.71
CA GLU A 225 -3.74 10.63 -3.12
C GLU A 225 -4.96 10.41 -2.24
N MET A 226 -5.81 9.44 -2.61
CA MET A 226 -6.94 9.10 -1.76
C MET A 226 -6.47 8.41 -0.50
N ALA A 227 -5.51 7.47 -0.63
CA ALA A 227 -4.99 6.77 0.54
C ALA A 227 -4.42 7.74 1.55
N GLU A 228 -3.63 8.72 1.08
CA GLU A 228 -3.05 9.68 2.02
C GLU A 228 -4.12 10.55 2.67
N GLN A 229 -5.19 10.85 1.94
CA GLN A 229 -6.28 11.64 2.48
C GLN A 229 -7.00 10.88 3.59
N ILE A 230 -7.25 9.58 3.36
CA ILE A 230 -7.91 8.77 4.39
C ILE A 230 -7.03 8.70 5.63
N ASP A 231 -5.74 8.44 5.43
CA ASP A 231 -4.85 8.28 6.57
C ASP A 231 -4.70 9.58 7.36
N ALA A 232 -4.70 10.72 6.66
CA ALA A 232 -4.74 12.03 7.31
C ALA A 232 -6.11 12.36 7.87
N GLY A 233 -7.17 11.74 7.34
CA GLY A 233 -8.51 12.15 7.70
C GLY A 233 -8.89 13.51 7.19
N GLU A 234 -8.17 14.02 6.19
CA GLU A 234 -8.41 15.32 5.60
C GLU A 234 -8.86 15.11 4.15
N TYR A 235 -10.04 15.65 3.83
CA TYR A 235 -10.67 15.45 2.53
C TYR A 235 -10.82 16.79 1.83
N PRO A 236 -9.70 17.46 1.52
CA PRO A 236 -9.76 18.79 0.89
C PRO A 236 -10.58 18.80 -0.37
N GLY A 237 -11.80 19.30 -0.28
CA GLY A 237 -12.70 19.32 -1.41
C GLY A 237 -12.59 20.59 -2.22
N ASP A 238 -11.76 20.57 -3.25
CA ASP A 238 -11.62 21.71 -4.15
C ASP A 238 -11.89 21.32 -5.60
N GLU A 239 -11.19 20.30 -6.10
CA GLU A 239 -11.34 19.92 -7.50
C GLU A 239 -12.62 19.12 -7.72
N ASP A 240 -12.77 18.01 -7.00
CA ASP A 240 -13.88 17.07 -7.21
C ASP A 240 -14.57 16.84 -5.87
N THR A 241 -15.64 17.58 -5.62
CA THR A 241 -16.40 17.47 -4.39
C THR A 241 -17.34 16.28 -4.45
N LEU A 242 -17.81 15.87 -3.27
CA LEU A 242 -18.78 14.79 -3.19
C LEU A 242 -20.11 15.21 -3.82
N ALA A 243 -20.49 16.47 -3.68
CA ALA A 243 -21.71 16.95 -4.30
C ALA A 243 -21.68 16.73 -5.81
N MET A 244 -20.54 17.05 -6.45
CA MET A 244 -20.40 16.86 -7.88
C MET A 244 -20.55 15.37 -8.24
N GLY A 245 -19.96 14.48 -7.44
CA GLY A 245 -20.13 13.07 -7.70
C GLY A 245 -21.58 12.65 -7.59
N ALA A 246 -22.27 13.14 -6.56
CA ALA A 246 -23.66 12.78 -6.35
C ALA A 246 -24.50 13.17 -7.56
N ALA A 247 -24.28 14.37 -8.11
CA ALA A 247 -25.02 14.81 -9.28
C ALA A 247 -24.77 13.90 -10.47
N GLY A 248 -23.52 13.43 -10.60
CA GLY A 248 -23.22 12.47 -11.66
C GLY A 248 -23.91 11.14 -11.43
N VAL A 249 -23.88 10.66 -10.19
CA VAL A 249 -24.54 9.39 -9.88
C VAL A 249 -26.03 9.50 -10.17
N ASP A 250 -26.63 10.67 -9.93
CA ASP A 250 -28.05 10.83 -10.21
C ASP A 250 -28.33 10.67 -11.70
N HIS A 251 -27.48 11.26 -12.55
CA HIS A 251 -27.61 11.06 -14.00
C HIS A 251 -27.48 9.59 -14.36
N ILE A 252 -26.58 8.87 -13.67
CA ILE A 252 -26.42 7.45 -13.93
C ILE A 252 -27.68 6.69 -13.56
N VAL A 253 -28.26 7.01 -12.38
CA VAL A 253 -29.50 6.36 -11.98
C VAL A 253 -30.58 6.61 -13.02
N HIS A 254 -30.72 7.88 -13.46
CA HIS A 254 -31.79 8.24 -14.39
C HIS A 254 -31.56 7.62 -15.76
N ALA A 255 -30.30 7.64 -16.24
CA ALA A 255 -30.00 6.98 -17.50
C ALA A 255 -30.30 5.49 -17.43
N SER A 256 -29.98 4.86 -16.29
CA SER A 256 -30.28 3.43 -16.13
C SER A 256 -31.78 3.20 -16.17
N ARG A 257 -32.53 4.07 -15.48
CA ARG A 257 -34.00 3.97 -15.46
C ARG A 257 -34.54 4.12 -16.87
N ASP A 258 -34.13 5.17 -17.57
CA ASP A 258 -34.59 5.42 -18.94
C ASP A 258 -34.20 4.30 -19.88
N ALA A 259 -33.03 3.68 -19.65
CA ALA A 259 -32.57 2.58 -20.50
C ALA A 259 -33.30 1.28 -20.25
N GLY A 260 -34.12 1.20 -19.19
CA GLY A 260 -34.75 -0.05 -18.84
C GLY A 260 -33.86 -1.06 -18.16
N ILE A 261 -32.77 -0.62 -17.54
CA ILE A 261 -31.81 -1.47 -16.82
C ILE A 261 -32.09 -1.37 -15.33
N ASP A 262 -31.61 -2.36 -14.58
CA ASP A 262 -31.78 -2.34 -13.14
C ASP A 262 -31.08 -1.14 -12.53
N THR A 263 -31.75 -0.48 -11.58
CA THR A 263 -31.19 0.70 -10.94
C THR A 263 -30.68 0.45 -9.52
N ALA A 264 -30.74 -0.79 -9.03
CA ALA A 264 -30.38 -1.05 -7.63
C ALA A 264 -28.91 -0.71 -7.35
N LEU A 265 -28.00 -1.06 -8.26
CA LEU A 265 -26.59 -0.77 -8.00
C LEU A 265 -26.34 0.71 -7.97
N PRO A 266 -26.69 1.50 -8.97
CA PRO A 266 -26.45 2.96 -8.90
C PRO A 266 -27.24 3.63 -7.79
N GLU A 267 -28.44 3.14 -7.46
CA GLU A 267 -29.18 3.71 -6.35
C GLU A 267 -28.48 3.45 -5.03
N ALA A 268 -27.77 2.32 -4.89
CA ALA A 268 -26.99 2.06 -3.70
C ALA A 268 -25.84 3.04 -3.58
N VAL A 269 -25.16 3.34 -4.69
CA VAL A 269 -24.10 4.34 -4.68
C VAL A 269 -24.67 5.69 -4.33
N LYS A 270 -25.78 6.06 -4.97
CA LYS A 270 -26.42 7.34 -4.72
C LYS A 270 -26.77 7.53 -3.25
N ALA A 271 -27.27 6.47 -2.62
CA ALA A 271 -27.66 6.57 -1.22
C ALA A 271 -26.47 6.85 -0.33
N LEU A 272 -25.31 6.25 -0.64
CA LEU A 272 -24.10 6.53 0.13
C LEU A 272 -23.65 7.97 -0.03
N PHE A 273 -23.71 8.52 -1.26
CA PHE A 273 -23.35 9.93 -1.45
C PHE A 273 -24.30 10.83 -0.66
N ARG A 274 -25.59 10.54 -0.72
CA ARG A 274 -26.56 11.30 0.06
C ARG A 274 -26.22 11.27 1.55
N ARG A 275 -25.90 10.08 2.08
CA ARG A 275 -25.54 9.98 3.49
C ARG A 275 -24.34 10.85 3.81
N ALA A 276 -23.36 10.92 2.89
CA ALA A 276 -22.17 11.71 3.17
C ALA A 276 -22.48 13.20 3.11
N ILE A 277 -23.34 13.61 2.19
CA ILE A 277 -23.74 15.01 2.14
C ILE A 277 -24.52 15.37 3.40
N ALA A 278 -25.43 14.48 3.84
CA ALA A 278 -26.15 14.69 5.08
C ALA A 278 -25.25 14.66 6.32
N ALA A 279 -24.00 14.21 6.18
CA ALA A 279 -23.01 14.30 7.23
C ALA A 279 -22.12 15.51 7.10
N GLY A 280 -22.39 16.40 6.14
CA GLY A 280 -21.64 17.63 6.01
C GLY A 280 -20.44 17.59 5.09
N HIS A 281 -20.34 16.59 4.22
CA HIS A 281 -19.17 16.41 3.39
C HIS A 281 -19.40 16.85 1.93
N GLY A 282 -20.51 17.53 1.64
CA GLY A 282 -20.81 17.88 0.26
C GLY A 282 -19.69 18.61 -0.45
N GLU A 283 -19.02 19.51 0.25
CA GLU A 283 -17.94 20.30 -0.33
C GLU A 283 -16.57 19.71 -0.05
N ASP A 284 -16.50 18.51 0.52
CA ASP A 284 -15.26 17.79 0.70
C ASP A 284 -14.97 16.96 -0.56
N SER A 285 -13.73 16.46 -0.66
CA SER A 285 -13.40 15.55 -1.74
C SER A 285 -14.24 14.28 -1.63
N PHE A 286 -14.38 13.58 -2.77
CA PHE A 286 -15.23 12.39 -2.75
C PHE A 286 -14.68 11.33 -1.81
N THR A 287 -13.38 11.36 -1.50
CA THR A 287 -12.79 10.43 -0.54
C THR A 287 -13.52 10.47 0.80
N SER A 288 -14.11 11.62 1.14
CA SER A 288 -14.86 11.76 2.38
C SER A 288 -15.98 10.73 2.49
N LEU A 289 -16.38 10.11 1.38
CA LEU A 289 -17.41 9.07 1.44
C LEU A 289 -17.03 7.96 2.41
N ILE A 290 -15.73 7.76 2.63
CA ILE A 290 -15.28 6.72 3.55
C ILE A 290 -15.86 6.95 4.94
N GLU A 291 -16.17 8.20 5.28
CA GLU A 291 -16.70 8.48 6.61
C GLU A 291 -18.08 7.86 6.80
N VAL A 292 -18.83 7.70 5.72
CA VAL A 292 -20.11 6.99 5.80
C VAL A 292 -19.90 5.48 5.62
N LEU A 293 -18.87 5.09 4.87
CA LEU A 293 -18.60 3.67 4.67
C LEU A 293 -18.03 3.03 5.92
N ARG A 294 -17.37 3.80 6.79
CA ARG A 294 -16.82 3.30 8.03
C ARG A 294 -17.89 3.08 9.09
N LYS A 295 -19.08 3.66 8.89
CA LYS A 295 -20.13 3.63 9.91
C LYS A 295 -21.40 3.13 9.30
N PRO A 296 -22.13 2.21 9.95
CA PRO A 296 -23.42 1.77 9.42
C PRO A 296 -24.44 2.91 9.45
N ALA A 297 -25.57 2.66 8.81
CA ALA A 297 -26.65 3.64 8.74
C ALA A 297 -27.38 3.75 10.06
N GLN B 13 2.95 -4.65 -18.09
CA GLN B 13 3.73 -4.05 -17.01
C GLN B 13 5.18 -3.89 -17.43
N PRO B 14 5.57 -2.66 -17.77
CA PRO B 14 6.94 -2.45 -18.28
C PRO B 14 7.97 -2.82 -17.22
N VAL B 15 9.12 -3.31 -17.69
CA VAL B 15 10.27 -3.57 -16.83
C VAL B 15 11.53 -3.18 -17.58
N THR B 16 12.51 -2.63 -16.86
CA THR B 16 13.82 -2.31 -17.40
C THR B 16 14.88 -3.16 -16.70
N VAL B 17 15.83 -3.66 -17.48
CA VAL B 17 16.95 -4.46 -16.95
C VAL B 17 18.24 -3.75 -17.35
N ILE B 18 19.00 -3.33 -16.35
CA ILE B 18 20.33 -2.74 -16.53
C ILE B 18 21.35 -3.77 -16.10
N GLY B 19 22.27 -4.11 -16.99
CA GLY B 19 23.22 -5.17 -16.74
C GLY B 19 22.80 -6.43 -17.48
N LEU B 20 23.53 -6.79 -18.52
CA LEU B 20 23.15 -7.88 -19.40
C LEU B 20 24.25 -8.94 -19.40
N GLY B 21 24.77 -9.24 -18.22
CA GLY B 21 25.57 -10.42 -18.02
C GLY B 21 24.66 -11.62 -18.09
N PRO B 22 25.19 -12.81 -17.81
CA PRO B 22 24.34 -14.01 -17.89
C PRO B 22 23.06 -13.90 -17.07
N MET B 23 23.11 -13.31 -15.87
CA MET B 23 21.89 -13.20 -15.07
C MET B 23 20.91 -12.18 -15.66
N GLY B 24 21.39 -10.98 -15.97
CA GLY B 24 20.53 -9.98 -16.57
C GLY B 24 19.88 -10.47 -17.85
N GLN B 25 20.61 -11.26 -18.64
CA GLN B 25 20.04 -11.80 -19.87
C GLN B 25 18.93 -12.81 -19.55
N ALA B 26 19.17 -13.69 -18.57
CA ALA B 26 18.14 -14.66 -18.19
C ALA B 26 16.93 -13.95 -17.63
N MET B 27 17.14 -12.85 -16.90
CA MET B 27 16.01 -12.15 -16.31
C MET B 27 15.17 -11.50 -17.38
N ALA B 28 15.80 -10.75 -18.29
CA ALA B 28 15.10 -10.11 -19.39
C ALA B 28 14.32 -11.12 -20.21
N GLY B 29 14.91 -12.30 -20.47
CA GLY B 29 14.20 -13.32 -21.22
C GLY B 29 12.97 -13.82 -20.50
N ALA B 30 13.07 -14.02 -19.19
CA ALA B 30 11.93 -14.51 -18.42
C ALA B 30 10.81 -13.49 -18.44
N PHE B 31 11.15 -12.20 -18.32
CA PHE B 31 10.13 -11.15 -18.35
C PHE B 31 9.44 -11.13 -19.71
N LEU B 32 10.22 -11.11 -20.78
CA LEU B 32 9.67 -11.15 -22.13
C LEU B 32 8.76 -12.37 -22.32
N ALA B 33 9.27 -13.55 -21.96
CA ALA B 33 8.47 -14.77 -22.10
C ALA B 33 7.18 -14.71 -21.29
N ALA B 34 7.21 -14.01 -20.15
CA ALA B 34 6.00 -13.82 -19.35
C ALA B 34 5.06 -12.78 -19.94
N GLY B 35 5.46 -12.11 -21.01
CA GLY B 35 4.62 -11.12 -21.66
C GLY B 35 4.90 -9.68 -21.27
N HIS B 36 5.77 -9.46 -20.29
CA HIS B 36 6.06 -8.11 -19.86
C HIS B 36 6.86 -7.37 -20.93
N PRO B 37 6.52 -6.12 -21.24
CA PRO B 37 7.38 -5.30 -22.11
C PRO B 37 8.71 -5.04 -21.42
N VAL B 38 9.81 -5.35 -22.11
CA VAL B 38 11.14 -5.30 -21.51
C VAL B 38 12.00 -4.32 -22.29
N THR B 39 12.61 -3.36 -21.58
CA THR B 39 13.61 -2.47 -22.11
C THR B 39 14.93 -2.79 -21.43
N VAL B 40 16.04 -2.79 -22.18
CA VAL B 40 17.32 -3.22 -21.63
C VAL B 40 18.39 -2.18 -21.93
N TRP B 41 19.41 -2.19 -21.08
CA TRP B 41 20.59 -1.37 -21.30
C TRP B 41 21.81 -2.13 -20.79
N ASN B 42 22.93 -1.96 -21.48
CA ASN B 42 24.17 -2.59 -21.08
C ASN B 42 25.34 -1.79 -21.63
N ARG B 43 26.44 -1.75 -20.86
CA ARG B 43 27.64 -1.09 -21.34
C ARG B 43 28.11 -1.67 -22.67
N THR B 44 27.86 -2.96 -22.89
CA THR B 44 28.20 -3.64 -24.13
C THR B 44 26.89 -3.99 -24.84
N PRO B 45 26.37 -3.11 -25.71
CA PRO B 45 25.04 -3.37 -26.30
C PRO B 45 24.96 -4.69 -27.06
N SER B 46 26.09 -5.29 -27.43
CA SER B 46 26.06 -6.53 -28.21
C SER B 46 25.35 -7.66 -27.48
N LYS B 47 25.33 -7.63 -26.15
CA LYS B 47 24.70 -8.69 -25.35
C LYS B 47 23.19 -8.62 -25.38
N ALA B 48 22.61 -7.59 -26.01
CA ALA B 48 21.18 -7.44 -26.15
C ALA B 48 20.61 -7.98 -27.46
N ASP B 49 21.47 -8.44 -28.38
CA ASP B 49 21.02 -8.78 -29.72
C ASP B 49 19.88 -9.79 -29.69
N ALA B 50 20.10 -10.95 -29.08
CA ALA B 50 19.07 -11.98 -29.09
C ALA B 50 17.80 -11.52 -28.40
N LEU B 51 17.93 -10.70 -27.36
CA LEU B 51 16.76 -10.21 -26.64
C LEU B 51 15.94 -9.26 -27.51
N VAL B 52 16.61 -8.31 -28.16
CA VAL B 52 15.88 -7.38 -29.02
C VAL B 52 15.19 -8.13 -30.15
N ALA B 53 15.82 -9.20 -30.64
CA ALA B 53 15.18 -10.04 -31.65
C ALA B 53 13.91 -10.69 -31.09
N GLN B 54 13.94 -11.08 -29.81
CA GLN B 54 12.76 -11.65 -29.16
C GLN B 54 11.74 -10.59 -28.77
N GLY B 55 12.03 -9.31 -29.00
CA GLY B 55 11.08 -8.25 -28.72
C GLY B 55 11.57 -7.22 -27.72
N ALA B 56 12.75 -7.37 -27.16
CA ALA B 56 13.26 -6.38 -26.23
C ALA B 56 13.57 -5.08 -26.95
N VAL B 57 13.47 -3.96 -26.22
CA VAL B 57 13.81 -2.63 -26.77
C VAL B 57 15.18 -2.27 -26.23
N ALA B 59 17.50 0.25 -25.13
CA ALA B 59 17.54 1.68 -24.80
C ALA B 59 18.88 2.26 -25.25
N ALA B 60 18.86 3.41 -25.93
CA ALA B 60 20.08 4.07 -26.38
C ALA B 60 20.81 4.79 -25.25
N THR B 61 20.10 5.13 -24.17
CA THR B 61 20.70 5.84 -23.04
C THR B 61 20.18 5.23 -21.74
N VAL B 62 20.96 5.43 -20.68
CA VAL B 62 20.50 5.00 -19.35
C VAL B 62 19.19 5.70 -18.98
N ALA B 63 19.11 7.00 -19.22
CA ALA B 63 17.91 7.73 -18.84
C ALA B 63 16.70 7.19 -19.58
N GLU B 64 16.86 6.81 -20.86
CA GLU B 64 15.77 6.20 -21.61
C GLU B 64 15.36 4.88 -20.98
N ALA B 65 16.33 4.03 -20.66
CA ALA B 65 16.05 2.80 -19.93
C ALA B 65 15.25 3.08 -18.67
N LEU B 66 15.70 4.06 -17.87
CA LEU B 66 15.01 4.39 -16.63
C LEU B 66 13.59 4.87 -16.89
N ALA B 67 13.43 5.80 -17.83
CA ALA B 67 12.10 6.35 -18.10
C ALA B 67 11.15 5.31 -18.69
N ALA B 68 11.67 4.25 -19.30
CA ALA B 68 10.80 3.28 -19.97
C ALA B 68 9.91 2.54 -18.98
N SER B 69 10.35 2.39 -17.72
CA SER B 69 9.62 1.57 -16.77
C SER B 69 9.81 2.12 -15.37
N GLU B 70 8.77 2.02 -14.56
CA GLU B 70 8.93 2.33 -13.15
C GLU B 70 9.83 1.31 -12.47
N LEU B 71 9.69 0.03 -12.84
CA LEU B 71 10.46 -1.08 -12.26
C LEU B 71 11.76 -1.22 -13.03
N VAL B 72 12.88 -0.94 -12.36
CA VAL B 72 14.21 -1.02 -12.96
C VAL B 72 14.98 -2.08 -12.19
N VAL B 73 15.31 -3.19 -12.87
CA VAL B 73 16.05 -4.29 -12.27
C VAL B 73 17.52 -4.13 -12.64
N LEU B 74 18.39 -4.18 -11.63
CA LEU B 74 19.82 -4.04 -11.83
C LEU B 74 20.52 -5.38 -11.59
N SER B 75 21.30 -5.82 -12.57
CA SER B 75 22.07 -7.07 -12.48
C SER B 75 23.49 -6.75 -12.94
N LEU B 76 24.33 -6.28 -12.02
CA LEU B 76 25.69 -5.82 -12.30
C LEU B 76 26.64 -6.51 -11.34
N THR B 77 27.94 -6.44 -11.65
CA THR B 77 28.91 -7.16 -10.84
C THR B 77 28.80 -6.76 -9.37
N ASP B 78 28.77 -5.47 -9.09
CA ASP B 78 28.69 -4.98 -7.73
C ASP B 78 28.08 -3.58 -7.74
N TYR B 79 28.09 -2.93 -6.57
CA TYR B 79 27.45 -1.63 -6.44
C TYR B 79 28.26 -0.55 -7.12
N ASP B 80 29.58 -0.70 -7.21
CA ASP B 80 30.40 0.28 -7.92
C ASP B 80 29.93 0.41 -9.36
N ALA B 81 29.67 -0.71 -10.03
CA ALA B 81 29.13 -0.65 -11.38
C ALA B 81 27.80 0.09 -11.42
N MET B 82 26.92 -0.19 -10.46
CA MET B 82 25.65 0.51 -10.39
C MET B 82 25.87 2.02 -10.37
N TYR B 83 26.72 2.50 -9.47
CA TYR B 83 26.92 3.93 -9.33
C TYR B 83 27.50 4.52 -10.61
N ALA B 84 28.38 3.79 -11.28
CA ALA B 84 28.97 4.28 -12.53
C ALA B 84 27.90 4.48 -13.59
N ILE B 85 26.94 3.56 -13.66
CA ILE B 85 25.92 3.64 -14.71
C ILE B 85 24.85 4.67 -14.36
N LEU B 86 24.46 4.73 -13.08
CA LEU B 86 23.27 5.49 -12.72
C LEU B 86 23.56 6.92 -12.31
N GLU B 87 24.72 7.19 -11.70
CA GLU B 87 24.98 8.54 -11.23
C GLU B 87 24.93 9.57 -12.37
N PRO B 88 25.48 9.32 -13.55
CA PRO B 88 25.36 10.30 -14.65
C PRO B 88 23.94 10.53 -15.10
N ALA B 89 23.02 9.61 -14.77
CA ALA B 89 21.61 9.72 -15.14
C ALA B 89 20.72 9.77 -13.90
N ALA B 90 21.27 10.24 -12.77
CA ALA B 90 20.51 10.20 -11.53
C ALA B 90 19.20 10.95 -11.63
N ASP B 91 19.14 12.00 -12.47
CA ASP B 91 17.91 12.77 -12.62
C ASP B 91 16.76 11.90 -13.11
N ALA B 92 17.07 10.85 -13.87
CA ALA B 92 16.04 9.97 -14.42
C ALA B 92 15.56 8.91 -13.42
N LEU B 93 16.12 8.90 -12.20
CA LEU B 93 15.72 7.95 -11.18
C LEU B 93 14.42 8.34 -10.48
N ALA B 94 14.01 9.60 -10.61
CA ALA B 94 12.83 10.06 -9.88
C ALA B 94 11.62 9.22 -10.25
N GLY B 95 10.90 8.78 -9.23
CA GLY B 95 9.70 7.98 -9.42
C GLY B 95 9.96 6.54 -9.77
N ARG B 96 11.22 6.17 -9.95
CA ARG B 96 11.55 4.80 -10.33
C ARG B 96 11.61 3.93 -9.08
N VAL B 97 11.50 2.62 -9.30
CA VAL B 97 11.71 1.61 -8.25
C VAL B 97 12.94 0.82 -8.66
N LEU B 98 14.06 1.05 -7.96
CA LEU B 98 15.28 0.34 -8.25
C LEU B 98 15.28 -0.97 -7.47
N VAL B 99 15.46 -2.09 -8.19
CA VAL B 99 15.55 -3.41 -7.57
C VAL B 99 16.95 -3.91 -7.88
N ASN B 100 17.85 -3.79 -6.90
CA ASN B 100 19.26 -4.08 -7.08
C ASN B 100 19.47 -5.56 -6.72
N LEU B 101 19.71 -6.39 -7.73
CA LEU B 101 19.97 -7.82 -7.54
C LEU B 101 21.45 -8.13 -7.62
N SER B 102 22.31 -7.16 -7.37
CA SER B 102 23.75 -7.36 -7.35
C SER B 102 24.24 -7.69 -5.94
N SER B 103 25.32 -8.46 -5.87
CA SER B 103 25.85 -8.92 -4.60
C SER B 103 26.76 -7.86 -3.98
N ASP B 104 26.58 -7.62 -2.68
CA ASP B 104 27.41 -6.70 -1.91
C ASP B 104 27.03 -6.83 -0.44
N THR B 105 27.62 -5.99 0.40
CA THR B 105 27.43 -6.12 1.83
C THR B 105 26.12 -5.44 2.29
N PRO B 106 25.53 -5.92 3.38
CA PRO B 106 24.36 -5.24 3.94
C PRO B 106 24.53 -3.73 4.11
N GLU B 107 25.69 -3.29 4.59
CA GLU B 107 25.89 -1.85 4.83
C GLU B 107 25.86 -1.09 3.51
N ARG B 108 26.49 -1.64 2.47
CA ARG B 108 26.46 -1.00 1.15
C ARG B 108 25.04 -0.91 0.61
N ALA B 109 24.20 -1.90 0.93
CA ALA B 109 22.81 -1.84 0.48
C ALA B 109 22.04 -0.73 1.17
N ARG B 110 22.27 -0.53 2.49
CA ARG B 110 21.65 0.58 3.19
C ARG B 110 22.13 1.91 2.63
N GLU B 111 23.42 2.01 2.29
CA GLU B 111 23.94 3.23 1.68
C GLU B 111 23.31 3.47 0.31
N ALA B 112 23.18 2.42 -0.50
CA ALA B 112 22.57 2.57 -1.81
C ALA B 112 21.12 3.02 -1.67
N ALA B 113 20.39 2.47 -0.70
CA ALA B 113 18.99 2.84 -0.51
C ALA B 113 18.86 4.34 -0.21
N ALA B 114 19.69 4.86 0.69
CA ALA B 114 19.67 6.28 0.99
C ALA B 114 20.06 7.13 -0.21
N TRP B 115 21.08 6.69 -0.97
CA TRP B 115 21.45 7.40 -2.20
C TRP B 115 20.27 7.45 -3.16
N ALA B 116 19.56 6.34 -3.33
CA ALA B 116 18.42 6.32 -4.23
C ALA B 116 17.33 7.28 -3.79
N ALA B 117 17.02 7.30 -2.49
CA ALA B 117 16.00 8.18 -1.95
C ALA B 117 16.34 9.64 -2.21
N GLU B 118 17.63 9.99 -2.15
CA GLU B 118 18.05 11.36 -2.46
C GLU B 118 17.72 11.75 -3.89
N HIS B 119 17.58 10.79 -4.79
CA HIS B 119 17.21 11.03 -6.17
C HIS B 119 15.76 10.72 -6.46
N GLY B 120 14.96 10.49 -5.42
CA GLY B 120 13.53 10.29 -5.59
C GLY B 120 13.14 8.90 -6.01
N ALA B 121 14.06 7.95 -5.93
CA ALA B 121 13.81 6.57 -6.33
C ALA B 121 13.58 5.71 -5.09
N ARG B 122 12.57 4.85 -5.16
CA ARG B 122 12.37 3.81 -4.16
C ARG B 122 13.36 2.68 -4.44
N TYR B 123 13.73 1.93 -3.40
CA TYR B 123 14.86 0.99 -3.50
C TYR B 123 14.50 -0.32 -2.81
N LEU B 124 14.68 -1.42 -3.53
CA LEU B 124 14.56 -2.76 -2.99
C LEU B 124 15.88 -3.48 -3.22
N THR B 125 16.28 -4.27 -2.23
CA THR B 125 17.46 -5.10 -2.31
C THR B 125 17.02 -6.53 -2.59
N GLY B 126 17.74 -7.22 -3.45
CA GLY B 126 17.41 -8.58 -3.80
C GLY B 126 18.65 -9.45 -3.79
N GLY B 127 18.44 -10.72 -3.43
CA GLY B 127 19.50 -11.72 -3.51
C GLY B 127 19.00 -12.97 -4.20
N VAL B 128 19.56 -13.25 -5.37
CA VAL B 128 19.05 -14.29 -6.27
C VAL B 128 19.79 -15.58 -5.99
N MET B 129 19.03 -16.63 -5.68
CA MET B 129 19.61 -17.85 -5.13
C MET B 129 19.68 -18.99 -6.13
N VAL B 130 19.55 -18.70 -7.43
CA VAL B 130 19.75 -19.68 -8.47
C VAL B 130 20.74 -19.11 -9.48
N PRO B 131 21.43 -19.99 -10.22
CA PRO B 131 22.24 -19.53 -11.35
C PRO B 131 21.36 -19.10 -12.50
N PRO B 132 21.93 -18.48 -13.53
CA PRO B 132 21.10 -17.93 -14.63
C PRO B 132 20.16 -18.96 -15.23
N PRO B 133 20.61 -20.20 -15.44
CA PRO B 133 19.69 -21.21 -16.01
C PRO B 133 18.53 -21.55 -15.10
N GLY B 134 18.62 -21.23 -13.81
CA GLY B 134 17.57 -21.54 -12.87
C GLY B 134 16.51 -20.47 -12.76
N ILE B 135 16.80 -19.26 -13.27
CA ILE B 135 15.78 -18.22 -13.30
C ILE B 135 14.51 -18.75 -13.96
N GLY B 136 13.38 -18.49 -13.32
CA GLY B 136 12.10 -18.95 -13.84
C GLY B 136 11.73 -20.37 -13.51
N THR B 137 12.64 -21.15 -12.94
CA THR B 137 12.36 -22.52 -12.58
C THR B 137 11.60 -22.60 -11.27
N PRO B 138 10.99 -23.76 -10.98
CA PRO B 138 10.28 -23.90 -9.69
C PRO B 138 11.20 -23.80 -8.49
N GLU B 139 12.49 -24.05 -8.67
CA GLU B 139 13.48 -23.97 -7.61
C GLU B 139 14.02 -22.56 -7.42
N ALA B 140 13.69 -21.63 -8.32
CA ALA B 140 14.22 -20.28 -8.23
C ALA B 140 13.51 -19.51 -7.11
N TYR B 141 14.31 -18.82 -6.30
CA TYR B 141 13.77 -17.88 -5.33
C TYR B 141 14.76 -16.73 -5.16
N VAL B 142 14.23 -15.59 -4.71
CA VAL B 142 15.03 -14.38 -4.52
C VAL B 142 14.65 -13.77 -3.17
N PHE B 143 15.64 -13.49 -2.33
CA PHE B 143 15.39 -12.69 -1.13
C PHE B 143 15.10 -11.25 -1.53
N TYR B 144 14.14 -10.59 -0.88
CA TYR B 144 13.87 -9.17 -1.06
C TYR B 144 13.77 -8.46 0.29
N SER B 145 14.34 -7.25 0.38
CA SER B 145 14.21 -6.40 1.56
C SER B 145 14.02 -4.95 1.11
N GLY B 146 13.45 -4.16 2.00
CA GLY B 146 13.12 -2.79 1.67
C GLY B 146 11.68 -2.47 1.99
N PRO B 147 11.22 -1.26 1.59
CA PRO B 147 9.84 -0.83 1.94
C PRO B 147 8.79 -1.85 1.50
N ARG B 148 8.00 -2.31 2.46
CA ARG B 148 7.01 -3.37 2.19
C ARG B 148 6.08 -2.99 1.05
N GLU B 149 5.52 -1.77 1.09
CA GLU B 149 4.52 -1.41 0.07
C GLU B 149 5.15 -1.39 -1.33
N VAL B 150 6.44 -1.09 -1.43
CA VAL B 150 7.10 -1.11 -2.72
C VAL B 150 7.18 -2.54 -3.23
N PHE B 151 7.59 -3.46 -2.35
CA PHE B 151 7.64 -4.87 -2.72
C PHE B 151 6.28 -5.37 -3.15
N GLU B 152 5.24 -5.10 -2.35
CA GLU B 152 3.93 -5.67 -2.65
C GLU B 152 3.41 -5.18 -3.99
N ALA B 153 3.72 -3.92 -4.33
CA ALA B 153 3.23 -3.34 -5.57
C ALA B 153 3.80 -4.02 -6.78
N HIS B 154 5.00 -4.59 -6.65
CA HIS B 154 5.73 -5.16 -7.81
C HIS B 154 5.99 -6.66 -7.63
N ALA B 156 4.16 -9.33 -8.21
CA ALA B 156 3.66 -10.15 -9.33
C ALA B 156 4.69 -10.14 -10.46
N THR B 157 5.26 -8.98 -10.79
CA THR B 157 6.25 -8.91 -11.86
C THR B 157 7.56 -9.55 -11.43
N LEU B 158 7.97 -9.31 -10.20
CA LEU B 158 9.20 -9.90 -9.70
C LEU B 158 9.11 -11.41 -9.65
N ALA B 159 7.91 -11.95 -9.41
CA ALA B 159 7.73 -13.39 -9.27
C ALA B 159 8.03 -14.14 -10.57
N VAL B 160 8.09 -13.44 -11.69
CA VAL B 160 8.48 -14.10 -12.95
C VAL B 160 9.87 -14.69 -12.84
N LEU B 161 10.72 -14.09 -12.00
CA LEU B 161 12.08 -14.58 -11.83
C LEU B 161 12.17 -15.81 -10.94
N GLY B 162 11.18 -16.02 -10.10
CA GLY B 162 11.19 -17.09 -9.13
C GLY B 162 10.46 -16.63 -7.88
N GLY B 163 10.59 -17.45 -6.84
CA GLY B 163 10.01 -17.14 -5.55
C GLY B 163 10.37 -15.76 -5.06
N THR B 164 9.38 -15.04 -4.49
CA THR B 164 9.58 -13.72 -3.89
C THR B 164 9.60 -13.90 -2.38
N ASP B 165 10.79 -13.89 -1.79
CA ASP B 165 10.94 -14.10 -0.35
C ASP B 165 11.27 -12.77 0.35
N TYR B 166 10.23 -12.02 0.70
CA TYR B 166 10.42 -10.77 1.43
C TYR B 166 10.85 -11.02 2.86
N VAL B 167 11.99 -10.46 3.24
CA VAL B 167 12.57 -10.74 4.55
C VAL B 167 12.53 -9.56 5.52
N GLY B 168 12.14 -8.37 5.08
CA GLY B 168 11.93 -7.29 6.03
C GLY B 168 12.19 -5.92 5.42
N GLU B 169 12.02 -4.91 6.26
CA GLU B 169 12.07 -3.52 5.81
C GLU B 169 13.50 -3.04 5.54
N ASP B 170 14.46 -3.51 6.34
CA ASP B 170 15.83 -3.04 6.25
C ASP B 170 16.45 -3.42 4.91
N PRO B 171 16.92 -2.43 4.13
CA PRO B 171 17.45 -2.77 2.80
C PRO B 171 18.64 -3.70 2.83
N GLY B 172 19.34 -3.83 3.95
CA GLY B 172 20.47 -4.74 4.02
C GLY B 172 20.11 -6.19 4.23
N LEU B 173 18.87 -6.46 4.65
CA LEU B 173 18.53 -7.80 5.10
C LEU B 173 18.66 -8.82 3.97
N ALA B 174 18.20 -8.48 2.77
CA ALA B 174 18.23 -9.43 1.67
C ALA B 174 19.67 -9.81 1.32
N GLN B 175 20.60 -8.86 1.40
CA GLN B 175 22.01 -9.19 1.20
C GLN B 175 22.61 -9.93 2.41
N LEU B 176 22.15 -9.65 3.62
CA LEU B 176 22.60 -10.44 4.77
C LEU B 176 22.24 -11.92 4.59
N TYR B 177 20.99 -12.19 4.20
CA TYR B 177 20.56 -13.56 3.89
C TYR B 177 21.41 -14.15 2.77
N TYR B 178 21.65 -13.37 1.70
CA TYR B 178 22.38 -13.86 0.55
C TYR B 178 23.82 -14.17 0.91
N GLN B 179 24.48 -13.29 1.68
CA GLN B 179 25.86 -13.54 2.07
C GLN B 179 25.95 -14.73 3.00
N ALA B 180 24.94 -14.94 3.85
CA ALA B 180 24.93 -16.12 4.71
C ALA B 180 24.78 -17.41 3.90
N GLN B 181 23.91 -17.40 2.88
CA GLN B 181 23.81 -18.56 2.00
C GLN B 181 25.12 -18.80 1.27
N LEU B 182 25.74 -17.74 0.76
CA LEU B 182 26.99 -17.92 0.06
C LEU B 182 28.12 -18.36 0.99
N ASP B 183 28.06 -17.93 2.26
CA ASP B 183 28.96 -18.39 3.31
C ASP B 183 28.92 -19.91 3.39
N ILE B 184 27.72 -20.49 3.43
CA ILE B 184 27.60 -21.94 3.41
C ILE B 184 28.14 -22.49 2.11
N PHE B 185 27.76 -21.87 0.99
CA PHE B 185 28.14 -22.43 -0.31
C PHE B 185 29.64 -22.55 -0.47
N TRP B 186 30.36 -21.44 -0.33
CA TRP B 186 31.79 -21.49 -0.64
C TRP B 186 32.55 -22.30 0.38
N THR B 187 32.21 -22.18 1.66
CA THR B 187 32.88 -22.98 2.67
C THR B 187 32.64 -24.46 2.45
N THR B 188 31.41 -24.83 2.12
CA THR B 188 31.07 -26.22 1.88
C THR B 188 31.73 -26.75 0.60
N MET B 189 31.78 -25.91 -0.44
CA MET B 189 32.49 -26.30 -1.65
C MET B 189 33.98 -26.51 -1.39
N THR B 190 34.58 -25.65 -0.58
CA THR B 190 36.00 -25.78 -0.25
C THR B 190 36.23 -27.07 0.54
N ALA B 191 35.31 -27.39 1.46
CA ALA B 191 35.41 -28.66 2.20
C ALA B 191 35.30 -29.85 1.27
N TYR B 192 34.34 -29.80 0.33
CA TYR B 192 34.18 -30.91 -0.62
C TYR B 192 35.47 -31.14 -1.40
N LEU B 193 36.09 -30.06 -1.87
CA LEU B 193 37.34 -30.17 -2.60
C LEU B 193 38.47 -30.69 -1.72
N HIS B 194 38.56 -30.18 -0.48
CA HIS B 194 39.61 -30.66 0.41
C HIS B 194 39.45 -32.15 0.69
N ALA B 195 38.21 -32.58 0.94
CA ALA B 195 37.96 -34.01 1.19
C ALA B 195 38.27 -34.84 -0.05
N THR B 196 37.83 -34.37 -1.23
CA THR B 196 38.15 -35.07 -2.47
C THR B 196 39.66 -35.16 -2.67
N ALA B 197 40.39 -34.11 -2.30
CA ALA B 197 41.84 -34.17 -2.37
C ALA B 197 42.39 -35.21 -1.39
N LEU B 198 41.81 -35.31 -0.19
CA LEU B 198 42.29 -36.29 0.78
C LEU B 198 42.19 -37.71 0.24
N VAL B 199 41.04 -38.09 -0.30
CA VAL B 199 40.95 -39.42 -0.89
C VAL B 199 41.83 -39.51 -2.13
N GLY B 200 41.97 -38.41 -2.88
CA GLY B 200 42.82 -38.40 -4.05
C GLY B 200 44.29 -38.62 -3.76
N SER B 201 44.70 -38.44 -2.50
CA SER B 201 46.08 -38.71 -2.12
C SER B 201 46.44 -40.17 -2.30
N GLU B 202 45.45 -41.06 -2.40
CA GLU B 202 45.68 -42.49 -2.59
C GLU B 202 45.10 -42.98 -3.92
N GLY B 203 44.80 -42.05 -4.82
CA GLY B 203 44.32 -42.40 -6.13
C GLY B 203 42.84 -42.69 -6.23
N VAL B 204 42.05 -42.29 -5.25
CA VAL B 204 40.60 -42.43 -5.34
C VAL B 204 40.08 -41.38 -6.32
N PRO B 205 39.42 -41.78 -7.42
CA PRO B 205 38.88 -40.77 -8.35
C PRO B 205 37.83 -39.92 -7.65
N ALA B 206 37.77 -38.64 -8.02
CA ALA B 206 36.74 -37.76 -7.47
C ALA B 206 35.34 -38.31 -7.76
N GLU B 207 35.15 -38.86 -8.96
CA GLU B 207 33.86 -39.43 -9.32
C GLU B 207 33.51 -40.62 -8.44
N GLU B 208 34.51 -41.32 -7.89
CA GLU B 208 34.25 -42.46 -7.01
C GLU B 208 33.82 -42.00 -5.62
N PHE B 209 34.41 -40.91 -5.13
CA PHE B 209 34.09 -40.41 -3.80
C PHE B 209 32.82 -39.57 -3.81
N LEU B 210 32.49 -38.97 -4.95
CA LEU B 210 31.33 -38.07 -5.04
C LEU B 210 30.07 -38.63 -4.41
N PRO B 211 29.66 -39.88 -4.68
CA PRO B 211 28.42 -40.39 -4.08
C PRO B 211 28.41 -40.28 -2.57
N TYR B 212 29.57 -40.47 -1.93
CA TYR B 212 29.66 -40.42 -0.49
C TYR B 212 29.61 -39.00 0.03
N ALA B 213 30.26 -38.05 -0.66
CA ALA B 213 30.11 -36.65 -0.32
C ALA B 213 28.66 -36.23 -0.40
N THR B 214 27.98 -36.59 -1.50
CA THR B 214 26.56 -36.29 -1.65
C THR B 214 25.75 -36.86 -0.49
N GLU B 215 26.07 -38.08 -0.07
CA GLU B 215 25.34 -38.70 1.03
C GLU B 215 25.51 -37.90 2.32
N MET B 216 26.71 -37.39 2.56
CA MET B 216 26.94 -36.57 3.75
C MET B 216 26.06 -35.32 3.73
N PHE B 217 26.05 -34.59 2.61
CA PHE B 217 25.22 -33.39 2.53
C PHE B 217 23.73 -33.73 2.66
N ASP B 218 23.35 -34.96 2.28
CA ASP B 218 21.98 -35.41 2.41
C ASP B 218 21.63 -35.86 3.82
N SER B 219 22.62 -36.06 4.68
CA SER B 219 22.41 -36.45 6.07
C SER B 219 22.24 -35.25 6.99
N MET B 220 22.00 -34.06 6.44
CA MET B 220 21.89 -32.83 7.22
C MET B 220 20.42 -32.55 7.50
N SER B 221 19.81 -33.46 8.27
CA SER B 221 18.42 -33.34 8.68
C SER B 221 18.28 -33.16 10.19
N PHE B 222 19.40 -32.98 10.90
CA PHE B 222 19.42 -32.69 12.32
C PHE B 222 19.56 -31.20 12.59
N LEU B 223 19.62 -30.39 11.52
CA LEU B 223 19.82 -28.95 11.67
C LEU B 223 18.68 -28.31 12.43
N GLU B 224 17.47 -28.87 12.32
CA GLU B 224 16.35 -28.35 13.11
C GLU B 224 16.67 -28.38 14.60
N GLU B 225 17.14 -29.53 15.09
CA GLU B 225 17.54 -29.63 16.49
C GLU B 225 18.58 -28.57 16.83
N MET B 226 19.59 -28.42 15.96
CA MET B 226 20.60 -27.40 16.19
C MET B 226 19.99 -26.02 16.29
N ALA B 227 19.00 -25.73 15.44
CA ALA B 227 18.36 -24.42 15.43
C ALA B 227 17.56 -24.19 16.70
N GLU B 228 16.89 -25.23 17.21
CA GLU B 228 16.21 -25.12 18.49
C GLU B 228 17.20 -24.81 19.61
N GLN B 229 18.31 -25.53 19.64
CA GLN B 229 19.33 -25.27 20.67
C GLN B 229 19.84 -23.83 20.55
N ILE B 230 20.08 -23.37 19.32
CA ILE B 230 20.62 -22.02 19.14
C ILE B 230 19.63 -20.99 19.66
N ASP B 231 18.38 -21.09 19.24
CA ASP B 231 17.38 -20.11 19.63
C ASP B 231 17.02 -20.20 21.12
N ALA B 232 17.27 -21.33 21.75
CA ALA B 232 17.09 -21.47 23.18
C ALA B 232 18.34 -21.10 23.96
N GLY B 233 19.49 -21.00 23.30
CA GLY B 233 20.73 -20.77 24.03
C GLY B 233 21.08 -21.92 24.95
N GLU B 234 20.59 -23.11 24.65
CA GLU B 234 20.82 -24.30 25.45
C GLU B 234 21.46 -25.35 24.55
N TYR B 235 22.64 -25.84 24.94
CA TYR B 235 23.40 -26.80 24.15
C TYR B 235 23.61 -28.11 24.92
N PRO B 236 22.52 -28.78 25.25
CA PRO B 236 22.61 -30.09 25.92
C PRO B 236 23.28 -31.15 25.08
N GLY B 237 24.51 -31.47 25.47
CA GLY B 237 25.26 -32.47 24.75
C GLY B 237 25.84 -33.57 25.59
N ASP B 238 25.02 -34.56 25.96
CA ASP B 238 25.49 -35.76 26.64
C ASP B 238 25.65 -36.92 25.67
N GLU B 239 25.48 -36.67 24.37
CA GLU B 239 25.62 -37.68 23.33
C GLU B 239 26.88 -37.46 22.55
N ASP B 240 26.97 -36.41 21.73
CA ASP B 240 28.16 -36.07 20.95
C ASP B 240 28.53 -34.62 21.26
N THR B 241 29.54 -34.45 22.11
CA THR B 241 29.92 -33.15 22.63
C THR B 241 30.83 -32.39 21.67
N LEU B 242 31.07 -31.13 22.00
CA LEU B 242 32.01 -30.32 21.23
C LEU B 242 33.43 -30.84 21.38
N ALA B 243 33.84 -31.21 22.61
CA ALA B 243 35.17 -31.76 22.80
C ALA B 243 35.39 -33.00 21.93
N MET B 244 34.35 -33.83 21.77
CA MET B 244 34.47 -34.98 20.90
C MET B 244 34.66 -34.55 19.45
N GLY B 245 33.97 -33.49 19.03
CA GLY B 245 34.17 -32.99 17.70
C GLY B 245 35.56 -32.40 17.51
N ALA B 246 36.06 -31.71 18.53
CA ALA B 246 37.42 -31.18 18.46
C ALA B 246 38.44 -32.30 18.25
N ALA B 247 38.20 -33.47 18.84
CA ALA B 247 39.10 -34.60 18.61
C ALA B 247 38.95 -35.15 17.18
N GLY B 248 37.72 -35.29 16.72
CA GLY B 248 37.49 -35.66 15.33
C GLY B 248 38.21 -34.74 14.36
N VAL B 249 38.15 -33.43 14.61
CA VAL B 249 38.83 -32.49 13.74
C VAL B 249 40.34 -32.70 13.78
N ASP B 250 40.89 -32.92 14.98
CA ASP B 250 42.33 -33.16 15.12
C ASP B 250 42.75 -34.39 14.30
N HIS B 251 41.89 -35.40 14.25
CA HIS B 251 42.21 -36.59 13.47
C HIS B 251 42.19 -36.27 11.97
N ILE B 252 41.32 -35.36 11.55
CA ILE B 252 41.28 -34.95 10.14
C ILE B 252 42.56 -34.20 9.78
N VAL B 253 43.03 -33.32 10.66
CA VAL B 253 44.28 -32.62 10.41
C VAL B 253 45.44 -33.62 10.25
N HIS B 254 45.50 -34.62 11.13
CA HIS B 254 46.58 -35.59 11.07
C HIS B 254 46.54 -36.36 9.75
N ALA B 255 45.37 -36.90 9.39
CA ALA B 255 45.27 -37.66 8.15
C ALA B 255 45.62 -36.79 6.95
N SER B 256 45.26 -35.50 6.98
CA SER B 256 45.58 -34.60 5.88
C SER B 256 47.09 -34.33 5.83
N ARG B 257 47.71 -34.16 6.99
CA ARG B 257 49.17 -33.94 7.08
C ARG B 257 49.89 -35.18 6.53
N ASP B 258 49.48 -36.36 6.97
CA ASP B 258 50.12 -37.59 6.50
C ASP B 258 49.90 -37.79 5.01
N ALA B 259 48.78 -37.31 4.48
CA ALA B 259 48.48 -37.49 3.07
C ALA B 259 49.19 -36.49 2.18
N GLY B 260 49.84 -35.48 2.76
CA GLY B 260 50.44 -34.44 1.95
C GLY B 260 49.47 -33.42 1.39
N ILE B 261 48.31 -33.26 2.01
CA ILE B 261 47.29 -32.28 1.66
C ILE B 261 47.54 -31.00 2.48
N ASP B 262 46.98 -29.88 2.02
CA ASP B 262 47.05 -28.68 2.84
C ASP B 262 46.17 -28.84 4.07
N THR B 263 46.66 -28.34 5.21
CA THR B 263 45.93 -28.46 6.46
C THR B 263 45.27 -27.15 6.89
N ALA B 264 45.36 -26.08 6.10
CA ALA B 264 44.87 -24.78 6.55
C ALA B 264 43.37 -24.82 6.85
N LEU B 265 42.60 -25.52 6.01
CA LEU B 265 41.15 -25.56 6.22
C LEU B 265 40.81 -26.32 7.49
N PRO B 266 41.22 -27.57 7.67
CA PRO B 266 40.88 -28.30 8.91
C PRO B 266 41.45 -27.64 10.15
N GLU B 267 42.59 -26.96 10.03
CA GLU B 267 43.15 -26.28 11.20
C GLU B 267 42.31 -25.06 11.57
N ALA B 268 41.70 -24.39 10.59
CA ALA B 268 40.79 -23.28 10.91
C ALA B 268 39.56 -23.77 11.66
N VAL B 269 39.04 -24.94 11.29
CA VAL B 269 37.95 -25.53 12.04
C VAL B 269 38.41 -25.90 13.44
N LYS B 270 39.58 -26.54 13.54
CA LYS B 270 40.13 -26.90 14.85
C LYS B 270 40.30 -25.68 15.76
N ALA B 271 40.74 -24.57 15.17
CA ALA B 271 40.98 -23.38 15.98
C ALA B 271 39.67 -22.83 16.54
N LEU B 272 38.57 -22.97 15.81
CA LEU B 272 37.28 -22.50 16.31
C LEU B 272 36.76 -23.41 17.41
N PHE B 273 36.97 -24.72 17.26
CA PHE B 273 36.60 -25.66 18.31
C PHE B 273 37.37 -25.35 19.59
N ARG B 274 38.64 -24.98 19.45
CA ARG B 274 39.45 -24.65 20.62
C ARG B 274 38.88 -23.44 21.36
N ARG B 275 38.56 -22.38 20.61
CA ARG B 275 37.96 -21.19 21.23
C ARG B 275 36.73 -21.55 22.02
N ALA B 276 35.90 -22.43 21.46
CA ALA B 276 34.67 -22.81 22.15
C ALA B 276 34.96 -23.63 23.40
N ILE B 277 35.98 -24.51 23.36
CA ILE B 277 36.34 -25.26 24.55
C ILE B 277 36.90 -24.33 25.62
N ALA B 278 37.69 -23.33 25.20
CA ALA B 278 38.15 -22.33 26.15
C ALA B 278 37.00 -21.52 26.75
N ALA B 279 35.88 -21.44 26.03
CA ALA B 279 34.69 -20.74 26.48
C ALA B 279 33.77 -21.62 27.30
N GLY B 280 34.15 -22.87 27.55
CA GLY B 280 33.46 -23.74 28.47
C GLY B 280 32.47 -24.70 27.88
N HIS B 281 32.49 -24.92 26.57
CA HIS B 281 31.44 -25.70 25.92
C HIS B 281 31.89 -27.12 25.59
N GLY B 282 33.01 -27.58 26.17
CA GLY B 282 33.55 -28.87 25.77
C GLY B 282 32.56 -30.00 25.94
N GLU B 283 31.75 -29.95 27.00
CA GLU B 283 30.76 -30.98 27.29
C GLU B 283 29.38 -30.63 26.75
N ASP B 284 29.20 -29.45 26.18
CA ASP B 284 27.97 -29.11 25.48
C ASP B 284 27.94 -29.79 24.11
N SER B 285 26.76 -29.80 23.49
CA SER B 285 26.65 -30.24 22.11
C SER B 285 27.53 -29.37 21.21
N PHE B 286 27.92 -29.93 20.06
CA PHE B 286 28.79 -29.19 19.15
C PHE B 286 28.10 -27.94 18.63
N THR B 287 26.77 -27.88 18.69
CA THR B 287 26.05 -26.67 18.32
C THR B 287 26.56 -25.46 19.07
N SER B 288 27.08 -25.67 20.29
CA SER B 288 27.58 -24.60 21.13
C SER B 288 28.70 -23.82 20.49
N LEU B 289 29.37 -24.36 19.46
CA LEU B 289 30.40 -23.58 18.76
C LEU B 289 29.89 -22.24 18.26
N ILE B 290 28.58 -22.11 18.01
CA ILE B 290 28.04 -20.84 17.54
C ILE B 290 28.32 -19.73 18.53
N GLU B 291 28.48 -20.07 19.81
CA GLU B 291 28.68 -19.04 20.83
C GLU B 291 30.00 -18.30 20.65
N VAL B 292 31.04 -18.95 20.11
CA VAL B 292 32.28 -18.23 19.82
C VAL B 292 32.26 -17.63 18.41
N LEU B 293 31.36 -18.09 17.54
CA LEU B 293 31.24 -17.51 16.21
C LEU B 293 30.47 -16.19 16.24
N ARG B 294 29.58 -16.02 17.21
CA ARG B 294 28.90 -14.74 17.38
C ARG B 294 29.81 -13.66 17.93
N LYS B 295 31.02 -14.02 18.35
CA LYS B 295 32.01 -13.13 18.95
C LYS B 295 33.10 -12.81 17.93
N PRO B 296 33.51 -11.54 17.80
CA PRO B 296 34.55 -11.16 16.85
C PRO B 296 35.89 -11.82 17.16
N ASN C 12 -8.45 29.48 -37.21
CA ASN C 12 -9.07 29.71 -38.50
C ASN C 12 -10.55 29.31 -38.49
N GLN C 13 -11.21 29.51 -37.34
CA GLN C 13 -12.61 29.14 -37.15
C GLN C 13 -13.16 29.82 -35.91
N PRO C 14 -14.12 30.74 -36.05
CA PRO C 14 -14.68 31.39 -34.86
C PRO C 14 -15.39 30.38 -33.98
N VAL C 15 -15.25 30.57 -32.67
CA VAL C 15 -15.84 29.67 -31.69
C VAL C 15 -16.46 30.48 -30.56
N THR C 16 -17.67 30.09 -30.15
CA THR C 16 -18.35 30.66 -29.00
C THR C 16 -18.40 29.59 -27.90
N VAL C 17 -18.24 30.03 -26.66
CA VAL C 17 -18.23 29.14 -25.52
C VAL C 17 -19.21 29.71 -24.49
N ILE C 18 -20.38 29.11 -24.40
CA ILE C 18 -21.34 29.44 -23.34
C ILE C 18 -21.07 28.53 -22.16
N GLY C 19 -20.79 29.13 -21.01
CA GLY C 19 -20.41 28.37 -19.84
C GLY C 19 -18.96 28.61 -19.51
N LEU C 20 -18.71 29.47 -18.51
CA LEU C 20 -17.34 29.80 -18.13
C LEU C 20 -17.05 29.26 -16.74
N GLY C 21 -17.33 27.97 -16.54
CA GLY C 21 -16.91 27.27 -15.36
C GLY C 21 -15.54 26.67 -15.58
N PRO C 22 -14.97 26.03 -14.55
CA PRO C 22 -13.61 25.49 -14.69
C PRO C 22 -13.39 24.78 -16.01
N MET C 23 -14.38 23.98 -16.42
CA MET C 23 -14.28 23.27 -17.68
C MET C 23 -14.31 24.24 -18.85
N GLY C 24 -15.34 25.10 -18.90
CA GLY C 24 -15.51 25.99 -20.04
C GLY C 24 -14.33 26.95 -20.20
N GLN C 25 -13.89 27.55 -19.10
CA GLN C 25 -12.72 28.41 -19.14
C GLN C 25 -11.53 27.69 -19.78
N ALA C 26 -11.36 26.41 -19.45
CA ALA C 26 -10.27 25.63 -20.03
C ALA C 26 -10.45 25.44 -21.52
N MET C 27 -11.69 25.17 -21.97
CA MET C 27 -11.93 24.99 -23.39
C MET C 27 -11.66 26.28 -24.15
N ALA C 28 -12.25 27.39 -23.69
CA ALA C 28 -12.01 28.68 -24.32
C ALA C 28 -10.52 29.00 -24.39
N GLY C 29 -9.83 28.87 -23.26
CA GLY C 29 -8.40 29.11 -23.26
C GLY C 29 -7.65 28.24 -24.24
N ALA C 30 -8.03 26.97 -24.35
CA ALA C 30 -7.41 26.09 -25.35
C ALA C 30 -7.72 26.56 -26.76
N PHE C 31 -8.97 26.95 -27.02
CA PHE C 31 -9.33 27.49 -28.32
C PHE C 31 -8.56 28.77 -28.61
N LEU C 32 -8.51 29.68 -27.63
CA LEU C 32 -7.77 30.92 -27.80
C LEU C 32 -6.28 30.64 -28.00
N ALA C 33 -5.72 29.72 -27.22
CA ALA C 33 -4.31 29.38 -27.35
C ALA C 33 -4.01 28.62 -28.63
N ALA C 34 -5.03 27.99 -29.24
CA ALA C 34 -4.87 27.41 -30.57
C ALA C 34 -5.00 28.44 -31.68
N GLY C 35 -5.44 29.65 -31.35
CA GLY C 35 -5.58 30.70 -32.33
C GLY C 35 -6.97 30.89 -32.90
N HIS C 36 -7.96 30.18 -32.40
CA HIS C 36 -9.32 30.30 -32.89
C HIS C 36 -9.98 31.54 -32.30
N PRO C 37 -10.69 32.33 -33.11
CA PRO C 37 -11.44 33.47 -32.55
C PRO C 37 -12.47 32.97 -31.54
N VAL C 38 -12.44 33.53 -30.34
CA VAL C 38 -13.22 33.01 -29.22
C VAL C 38 -14.11 34.11 -28.66
N THR C 39 -15.41 33.86 -28.66
CA THR C 39 -16.41 34.67 -27.99
C THR C 39 -16.97 33.87 -26.81
N VAL C 40 -17.28 34.56 -25.71
CA VAL C 40 -17.65 33.87 -24.47
C VAL C 40 -18.77 34.62 -23.77
N TRP C 41 -19.59 33.86 -23.03
CA TRP C 41 -20.69 34.41 -22.25
C TRP C 41 -20.82 33.62 -20.97
N ASN C 42 -21.37 34.26 -19.93
CA ASN C 42 -21.59 33.59 -18.65
C ASN C 42 -22.51 34.44 -17.79
N ARG C 43 -23.45 33.76 -17.11
CA ARG C 43 -24.29 34.44 -16.13
C ARG C 43 -23.45 35.28 -15.17
N THR C 44 -22.24 34.82 -14.86
CA THR C 44 -21.29 35.54 -14.02
C THR C 44 -20.17 36.07 -14.91
N PRO C 45 -20.20 37.35 -15.32
CA PRO C 45 -19.16 37.83 -16.24
C PRO C 45 -17.77 37.80 -15.64
N SER C 46 -17.63 38.04 -14.34
CA SER C 46 -16.32 38.04 -13.69
C SER C 46 -15.49 36.83 -14.09
N LYS C 47 -16.14 35.72 -14.43
CA LYS C 47 -15.44 34.51 -14.81
C LYS C 47 -14.71 34.66 -16.15
N ALA C 48 -15.00 35.72 -16.90
CA ALA C 48 -14.38 35.93 -18.21
C ALA C 48 -13.22 36.91 -18.16
N ASP C 49 -13.18 37.80 -17.17
CA ASP C 49 -12.12 38.79 -17.02
C ASP C 49 -10.76 38.25 -17.42
N ALA C 50 -10.48 37.00 -17.04
CA ALA C 50 -9.19 36.40 -17.35
C ALA C 50 -9.03 36.21 -18.86
N LEU C 51 -10.01 35.56 -19.50
CA LEU C 51 -9.86 35.25 -20.92
C LEU C 51 -9.89 36.51 -21.77
N VAL C 52 -10.76 37.47 -21.44
CA VAL C 52 -10.79 38.72 -22.19
C VAL C 52 -9.43 39.42 -22.09
N ALA C 53 -8.81 39.36 -20.91
CA ALA C 53 -7.44 39.86 -20.77
C ALA C 53 -6.48 39.10 -21.65
N GLN C 54 -6.73 37.80 -21.86
CA GLN C 54 -5.93 36.99 -22.77
C GLN C 54 -6.38 37.12 -24.22
N GLY C 55 -7.50 37.78 -24.47
CA GLY C 55 -7.89 38.11 -25.83
C GLY C 55 -9.22 37.57 -26.29
N ALA C 56 -10.08 37.18 -25.35
CA ALA C 56 -11.41 36.70 -25.69
C ALA C 56 -12.40 37.85 -25.72
N VAL C 57 -13.50 37.66 -26.45
CA VAL C 57 -14.55 38.66 -26.57
C VAL C 57 -15.68 38.28 -25.62
N ARG C 58 -15.86 39.06 -24.56
CA ARG C 58 -16.99 38.87 -23.65
C ARG C 58 -18.23 39.48 -24.29
N ALA C 59 -19.18 38.64 -24.70
CA ALA C 59 -20.42 39.12 -25.28
C ALA C 59 -21.35 39.63 -24.18
N ALA C 60 -22.15 40.65 -24.54
CA ALA C 60 -23.06 41.23 -23.56
C ALA C 60 -24.34 40.42 -23.42
N THR C 61 -24.82 39.86 -24.52
CA THR C 61 -26.03 39.05 -24.52
C THR C 61 -25.71 37.65 -25.05
N VAL C 62 -26.66 36.73 -24.84
CA VAL C 62 -26.51 35.41 -25.42
C VAL C 62 -26.67 35.47 -26.93
N ALA C 63 -27.53 36.36 -27.43
CA ALA C 63 -27.73 36.50 -28.86
C ALA C 63 -26.43 36.90 -29.56
N GLU C 64 -25.72 37.87 -29.00
CA GLU C 64 -24.43 38.26 -29.57
C GLU C 64 -23.49 37.06 -29.62
N ALA C 65 -23.36 36.34 -28.50
CA ALA C 65 -22.49 35.16 -28.47
C ALA C 65 -22.87 34.17 -29.56
N LEU C 66 -24.16 33.91 -29.72
CA LEU C 66 -24.61 32.93 -30.69
C LEU C 66 -24.27 33.36 -32.10
N ALA C 67 -24.57 34.62 -32.44
CA ALA C 67 -24.25 35.11 -33.77
C ALA C 67 -22.75 35.18 -34.00
N ALA C 68 -21.97 35.40 -32.92
CA ALA C 68 -20.53 35.60 -33.07
C ALA C 68 -19.86 34.44 -33.79
N SER C 69 -20.45 33.25 -33.73
CA SER C 69 -19.83 32.06 -34.32
C SER C 69 -20.90 31.03 -34.63
N GLU C 70 -20.66 30.23 -35.67
CA GLU C 70 -21.56 29.13 -35.95
C GLU C 70 -21.39 28.01 -34.91
N LEU C 71 -20.14 27.66 -34.60
CA LEU C 71 -19.85 26.61 -33.61
C LEU C 71 -20.02 27.19 -32.21
N VAL C 72 -20.99 26.67 -31.47
CA VAL C 72 -21.30 27.13 -30.12
C VAL C 72 -21.14 25.94 -29.20
N VAL C 73 -20.06 25.92 -28.43
CA VAL C 73 -19.78 24.83 -27.49
C VAL C 73 -20.36 25.21 -26.12
N LEU C 74 -21.07 24.27 -25.51
CA LEU C 74 -21.80 24.53 -24.27
C LEU C 74 -21.20 23.68 -23.16
N SER C 75 -20.76 24.33 -22.08
CA SER C 75 -20.23 23.67 -20.89
C SER C 75 -21.00 24.22 -19.69
N LEU C 76 -22.15 23.62 -19.40
CA LEU C 76 -23.05 24.08 -18.35
C LEU C 76 -23.28 22.95 -17.35
N THR C 77 -23.76 23.33 -16.16
CA THR C 77 -24.04 22.33 -15.14
C THR C 77 -24.85 21.19 -15.72
N ASP C 78 -25.97 21.51 -16.35
CA ASP C 78 -26.89 20.52 -16.88
C ASP C 78 -27.70 21.15 -18.00
N TYR C 79 -28.64 20.38 -18.55
CA TYR C 79 -29.45 20.88 -19.66
C TYR C 79 -30.44 21.94 -19.19
N ASP C 80 -30.91 21.86 -17.95
CA ASP C 80 -31.74 22.93 -17.40
C ASP C 80 -31.07 24.28 -17.56
N ALA C 81 -29.75 24.32 -17.31
CA ALA C 81 -29.01 25.56 -17.50
C ALA C 81 -29.07 26.02 -18.96
N MET C 82 -28.83 25.11 -19.89
CA MET C 82 -28.89 25.45 -21.30
C MET C 82 -30.21 26.13 -21.65
N TYR C 83 -31.32 25.51 -21.29
CA TYR C 83 -32.62 26.06 -21.66
C TYR C 83 -32.85 27.41 -21.01
N ALA C 84 -32.36 27.59 -19.79
CA ALA C 84 -32.49 28.89 -19.14
C ALA C 84 -31.71 29.96 -19.88
N ILE C 85 -30.58 29.58 -20.48
CA ILE C 85 -29.75 30.53 -21.21
C ILE C 85 -30.33 30.77 -22.60
N LEU C 86 -30.58 29.68 -23.35
CA LEU C 86 -30.79 29.77 -24.78
C LEU C 86 -32.25 30.00 -25.17
N GLU C 87 -33.20 29.46 -24.42
CA GLU C 87 -34.61 29.63 -24.79
C GLU C 87 -34.98 31.08 -25.04
N PRO C 88 -34.64 32.04 -24.18
CA PRO C 88 -35.00 33.45 -24.47
C PRO C 88 -34.36 33.97 -25.74
N ALA C 89 -33.31 33.33 -26.23
CA ALA C 89 -32.65 33.70 -27.48
C ALA C 89 -32.81 32.64 -28.56
N ALA C 90 -33.85 31.80 -28.45
CA ALA C 90 -33.99 30.68 -29.37
C ALA C 90 -34.04 31.12 -30.82
N ASP C 91 -34.51 32.35 -31.08
CA ASP C 91 -34.56 32.83 -32.46
C ASP C 91 -33.18 33.13 -33.03
N ALA C 92 -32.13 33.05 -32.20
CA ALA C 92 -30.76 33.26 -32.64
C ALA C 92 -30.01 31.95 -32.89
N LEU C 93 -30.69 30.82 -32.76
CA LEU C 93 -30.05 29.52 -32.88
C LEU C 93 -29.99 29.03 -34.33
N ALA C 94 -30.74 29.64 -35.22
CA ALA C 94 -30.74 29.21 -36.61
C ALA C 94 -29.37 29.37 -37.23
N GLY C 95 -28.92 28.34 -37.93
CA GLY C 95 -27.60 28.32 -38.55
C GLY C 95 -26.47 27.90 -37.64
N ARG C 96 -26.59 28.07 -36.34
CA ARG C 96 -25.53 27.71 -35.41
C ARG C 96 -25.47 26.18 -35.28
N VAL C 97 -24.28 25.70 -34.93
CA VAL C 97 -24.08 24.30 -34.55
C VAL C 97 -23.83 24.29 -33.05
N LEU C 98 -24.73 23.68 -32.29
CA LEU C 98 -24.59 23.56 -30.84
C LEU C 98 -23.89 22.25 -30.52
N VAL C 99 -22.78 22.33 -29.81
CA VAL C 99 -22.05 21.15 -29.33
C VAL C 99 -22.17 21.17 -27.82
N ASN C 100 -23.13 20.43 -27.27
CA ASN C 100 -23.34 20.40 -25.84
C ASN C 100 -22.39 19.39 -25.20
N LEU C 101 -21.48 19.88 -24.35
CA LEU C 101 -20.54 19.02 -23.63
C LEU C 101 -20.95 18.88 -22.17
N SER C 102 -22.13 19.39 -21.80
CA SER C 102 -22.62 19.28 -20.44
C SER C 102 -23.08 17.86 -20.13
N SER C 103 -22.86 17.43 -18.90
CA SER C 103 -23.28 16.10 -18.47
C SER C 103 -24.78 16.09 -18.23
N ASP C 104 -25.47 15.11 -18.81
CA ASP C 104 -26.89 14.88 -18.56
C ASP C 104 -27.27 13.53 -19.17
N THR C 105 -28.56 13.21 -19.14
CA THR C 105 -29.03 11.90 -19.58
C THR C 105 -29.09 11.79 -21.10
N PRO C 106 -28.92 10.58 -21.64
CA PRO C 106 -29.16 10.39 -23.08
C PRO C 106 -30.49 10.95 -23.56
N GLU C 107 -31.58 10.66 -22.85
CA GLU C 107 -32.89 11.13 -23.28
C GLU C 107 -32.96 12.65 -23.33
N ARG C 108 -32.32 13.32 -22.37
CA ARG C 108 -32.27 14.77 -22.41
C ARG C 108 -31.51 15.26 -23.64
N ALA C 109 -30.51 14.49 -24.08
CA ALA C 109 -29.78 14.87 -25.29
C ALA C 109 -30.65 14.71 -26.53
N ARG C 110 -31.43 13.64 -26.59
CA ARG C 110 -32.29 13.43 -27.75
C ARG C 110 -33.41 14.46 -27.80
N GLU C 111 -33.91 14.88 -26.64
CA GLU C 111 -34.90 15.96 -26.57
C GLU C 111 -34.30 17.29 -27.02
N ALA C 112 -33.07 17.60 -26.57
CA ALA C 112 -32.44 18.87 -26.95
C ALA C 112 -32.14 18.90 -28.44
N ALA C 113 -31.72 17.76 -29.01
CA ALA C 113 -31.45 17.72 -30.44
C ALA C 113 -32.69 18.09 -31.24
N ALA C 114 -33.85 17.56 -30.84
CA ALA C 114 -35.09 17.91 -31.53
C ALA C 114 -35.41 19.39 -31.34
N TRP C 115 -35.20 19.90 -30.12
CA TRP C 115 -35.45 21.31 -29.84
C TRP C 115 -34.57 22.20 -30.70
N ALA C 116 -33.28 21.88 -30.78
CA ALA C 116 -32.38 22.66 -31.62
C ALA C 116 -32.83 22.63 -33.06
N ALA C 117 -33.23 21.46 -33.56
CA ALA C 117 -33.63 21.33 -34.95
C ALA C 117 -34.80 22.25 -35.27
N GLU C 118 -35.85 22.21 -34.45
CA GLU C 118 -37.01 23.06 -34.69
C GLU C 118 -36.63 24.54 -34.72
N HIS C 119 -35.55 24.90 -34.05
CA HIS C 119 -35.11 26.29 -33.97
C HIS C 119 -34.02 26.60 -34.99
N GLY C 120 -33.78 25.70 -35.94
CA GLY C 120 -32.86 25.95 -37.03
C GLY C 120 -31.42 25.57 -36.78
N ALA C 121 -31.11 24.98 -35.64
CA ALA C 121 -29.72 24.71 -35.27
C ALA C 121 -29.44 23.21 -35.37
N ARG C 122 -28.21 22.88 -35.72
CA ARG C 122 -27.72 21.51 -35.66
C ARG C 122 -27.24 21.24 -34.24
N TYR C 123 -27.16 19.95 -33.88
CA TYR C 123 -26.89 19.58 -32.50
C TYR C 123 -25.97 18.36 -32.44
N LEU C 124 -24.90 18.50 -31.66
CA LEU C 124 -23.96 17.41 -31.39
C LEU C 124 -23.82 17.28 -29.88
N THR C 125 -23.76 16.03 -29.42
CA THR C 125 -23.63 15.71 -28.01
C THR C 125 -22.20 15.25 -27.72
N GLY C 126 -21.65 15.71 -26.59
CA GLY C 126 -20.28 15.38 -26.26
C GLY C 126 -20.04 15.01 -24.81
N GLY C 127 -19.23 13.98 -24.58
CA GLY C 127 -18.87 13.59 -23.23
C GLY C 127 -17.38 13.62 -22.98
N VAL C 128 -16.92 14.64 -22.26
CA VAL C 128 -15.49 14.86 -22.06
C VAL C 128 -15.00 13.91 -20.98
N MET C 129 -13.88 13.24 -21.25
CA MET C 129 -13.32 12.22 -20.38
C MET C 129 -12.01 12.64 -19.71
N VAL C 130 -11.90 13.91 -19.35
CA VAL C 130 -10.72 14.45 -18.65
C VAL C 130 -11.19 15.58 -17.73
N PRO C 131 -10.47 15.89 -16.65
CA PRO C 131 -10.81 17.01 -15.80
C PRO C 131 -10.52 18.32 -16.55
N PRO C 132 -11.02 19.47 -16.07
CA PRO C 132 -10.72 20.73 -16.73
C PRO C 132 -9.23 20.82 -17.08
N PRO C 133 -8.28 20.56 -16.16
CA PRO C 133 -6.85 20.63 -16.45
C PRO C 133 -6.44 19.70 -17.59
N GLY C 134 -7.06 18.53 -17.71
CA GLY C 134 -6.73 17.59 -18.77
C GLY C 134 -7.12 18.05 -20.16
N ILE C 135 -8.07 18.97 -20.29
CA ILE C 135 -8.52 19.41 -21.59
C ILE C 135 -7.32 19.90 -22.38
N GLY C 136 -7.16 19.36 -23.59
CA GLY C 136 -6.07 19.75 -24.45
C GLY C 136 -4.80 18.94 -24.33
N THR C 137 -4.83 17.83 -23.61
CA THR C 137 -3.68 16.95 -23.43
C THR C 137 -3.84 15.72 -24.31
N PRO C 138 -2.78 14.92 -24.46
CA PRO C 138 -2.91 13.70 -25.28
C PRO C 138 -3.86 12.69 -24.67
N GLU C 139 -3.95 12.68 -23.34
CA GLU C 139 -4.83 11.78 -22.62
C GLU C 139 -6.29 12.22 -22.69
N ALA C 140 -6.57 13.37 -23.29
CA ALA C 140 -7.93 13.90 -23.36
C ALA C 140 -8.66 13.31 -24.55
N TYR C 141 -9.90 12.88 -24.32
CA TYR C 141 -10.77 12.43 -25.40
C TYR C 141 -12.21 12.76 -25.03
N VAL C 142 -13.04 12.97 -26.04
CA VAL C 142 -14.42 13.37 -25.86
C VAL C 142 -15.28 12.47 -26.72
N PHE C 143 -16.29 11.84 -26.11
CA PHE C 143 -17.28 11.08 -26.87
C PHE C 143 -18.13 12.07 -27.67
N TYR C 144 -18.43 11.72 -28.92
CA TYR C 144 -19.25 12.56 -29.79
C TYR C 144 -20.32 11.73 -30.48
N SER C 145 -21.54 12.27 -30.52
CA SER C 145 -22.65 11.60 -31.17
C SER C 145 -23.55 12.65 -31.80
N GLY C 146 -24.25 12.25 -32.87
CA GLY C 146 -25.08 13.14 -33.63
C GLY C 146 -24.85 12.99 -35.12
N PRO C 147 -25.40 13.92 -35.93
CA PRO C 147 -25.18 13.87 -37.38
C PRO C 147 -23.71 13.80 -37.76
N ARG C 148 -23.30 12.72 -38.43
CA ARG C 148 -21.90 12.53 -38.77
C ARG C 148 -21.35 13.72 -39.54
N GLU C 149 -22.09 14.20 -40.54
CA GLU C 149 -21.60 15.31 -41.36
C GLU C 149 -21.27 16.53 -40.51
N VAL C 150 -22.09 16.81 -39.50
CA VAL C 150 -21.82 17.96 -38.64
C VAL C 150 -20.58 17.72 -37.81
N PHE C 151 -20.40 16.49 -37.32
CA PHE C 151 -19.18 16.13 -36.61
C PHE C 151 -17.96 16.29 -37.52
N GLU C 152 -17.98 15.63 -38.68
CA GLU C 152 -16.85 15.69 -39.59
C GLU C 152 -16.56 17.14 -40.00
N ALA C 153 -17.57 17.99 -40.01
CA ALA C 153 -17.40 19.38 -40.43
C ALA C 153 -16.68 20.22 -39.38
N HIS C 154 -16.76 19.84 -38.10
CA HIS C 154 -16.15 20.62 -37.03
C HIS C 154 -15.23 19.77 -36.17
N ARG C 155 -14.79 18.62 -36.67
CA ARG C 155 -13.90 17.76 -35.90
C ARG C 155 -12.63 18.50 -35.51
N ALA C 156 -11.95 19.08 -36.50
CA ALA C 156 -10.65 19.70 -36.25
C ALA C 156 -10.75 20.74 -35.13
N THR C 157 -11.71 21.66 -35.25
CA THR C 157 -11.91 22.65 -34.20
C THR C 157 -12.08 21.96 -32.84
N LEU C 158 -12.85 20.88 -32.79
CA LEU C 158 -13.08 20.19 -31.53
C LEU C 158 -11.83 19.44 -31.06
N ALA C 159 -10.98 18.99 -31.99
CA ALA C 159 -9.77 18.28 -31.60
C ALA C 159 -8.88 19.14 -30.71
N VAL C 160 -8.99 20.47 -30.83
CA VAL C 160 -8.24 21.36 -29.95
C VAL C 160 -8.40 20.93 -28.50
N LEU C 161 -9.63 20.54 -28.12
CA LEU C 161 -9.92 20.19 -26.74
C LEU C 161 -9.40 18.81 -26.37
N GLY C 162 -9.34 17.91 -27.34
CA GLY C 162 -8.87 16.57 -27.08
C GLY C 162 -9.25 15.66 -28.24
N GLY C 163 -8.98 14.37 -28.03
CA GLY C 163 -9.35 13.40 -29.05
C GLY C 163 -10.84 13.41 -29.33
N THR C 164 -11.19 13.22 -30.60
CA THR C 164 -12.59 13.20 -31.03
C THR C 164 -13.00 11.75 -31.29
N ASP C 165 -14.01 11.29 -30.56
CA ASP C 165 -14.49 9.91 -30.65
C ASP C 165 -15.97 9.91 -31.00
N TYR C 166 -16.27 9.77 -32.29
CA TYR C 166 -17.65 9.68 -32.77
C TYR C 166 -18.17 8.29 -32.54
N VAL C 167 -19.29 8.17 -31.82
CA VAL C 167 -19.84 6.86 -31.46
C VAL C 167 -21.13 6.52 -32.18
N GLY C 168 -21.76 7.47 -32.86
CA GLY C 168 -22.94 7.15 -33.63
C GLY C 168 -23.85 8.35 -33.80
N GLU C 169 -24.94 8.11 -34.53
CA GLU C 169 -25.86 9.18 -34.91
C GLU C 169 -26.82 9.57 -33.79
N ASP C 170 -27.25 8.61 -32.97
CA ASP C 170 -28.14 8.88 -31.86
C ASP C 170 -27.58 9.99 -30.99
N PRO C 171 -28.30 11.11 -30.82
CA PRO C 171 -27.75 12.21 -30.00
C PRO C 171 -27.44 11.79 -28.58
N GLY C 172 -28.14 10.79 -28.05
CA GLY C 172 -27.93 10.36 -26.69
C GLY C 172 -26.79 9.41 -26.48
N LEU C 173 -26.17 8.91 -27.55
CA LEU C 173 -25.16 7.86 -27.42
C LEU C 173 -23.93 8.35 -26.68
N ALA C 174 -23.45 9.55 -27.00
CA ALA C 174 -22.26 10.07 -26.34
C ALA C 174 -22.48 10.12 -24.83
N GLN C 175 -23.65 10.58 -24.39
CA GLN C 175 -23.91 10.66 -22.96
C GLN C 175 -24.09 9.28 -22.36
N LEU C 176 -24.63 8.34 -23.11
CA LEU C 176 -24.71 6.96 -22.63
C LEU C 176 -23.32 6.39 -22.37
N TYR C 177 -22.39 6.64 -23.29
CA TYR C 177 -21.01 6.20 -23.09
C TYR C 177 -20.44 6.86 -21.84
N TYR C 178 -20.59 8.18 -21.73
CA TYR C 178 -20.07 8.91 -20.59
C TYR C 178 -20.67 8.38 -19.28
N GLN C 179 -21.99 8.20 -19.26
CA GLN C 179 -22.62 7.76 -18.02
C GLN C 179 -22.16 6.36 -17.64
N ALA C 180 -21.94 5.49 -18.63
CA ALA C 180 -21.49 4.13 -18.35
C ALA C 180 -20.07 4.13 -17.80
N GLN C 181 -19.24 5.03 -18.31
CA GLN C 181 -17.88 5.14 -17.78
C GLN C 181 -17.89 5.66 -16.35
N LEU C 182 -18.70 6.69 -16.08
CA LEU C 182 -18.81 7.20 -14.71
C LEU C 182 -19.48 6.19 -13.79
N ASP C 183 -20.30 5.29 -14.35
CA ASP C 183 -20.90 4.21 -13.58
C ASP C 183 -19.82 3.24 -13.10
N ILE C 184 -18.86 2.94 -13.97
CA ILE C 184 -17.70 2.14 -13.58
C ILE C 184 -16.87 2.90 -12.56
N PHE C 185 -16.59 4.16 -12.84
CA PHE C 185 -15.74 4.97 -11.98
C PHE C 185 -16.28 5.06 -10.56
N TRP C 186 -17.48 5.63 -10.39
CA TRP C 186 -17.98 5.90 -9.04
C TRP C 186 -18.20 4.61 -8.26
N THR C 187 -18.77 3.58 -8.91
CA THR C 187 -18.99 2.33 -8.19
C THR C 187 -17.67 1.68 -7.78
N THR C 188 -16.66 1.75 -8.65
CA THR C 188 -15.35 1.19 -8.32
C THR C 188 -14.66 2.01 -7.23
N MET C 189 -14.80 3.34 -7.28
CA MET C 189 -14.23 4.15 -6.20
C MET C 189 -14.87 3.81 -4.86
N THR C 190 -16.20 3.66 -4.83
CA THR C 190 -16.87 3.29 -3.60
C THR C 190 -16.42 1.92 -3.09
N ALA C 191 -16.17 0.98 -4.01
CA ALA C 191 -15.68 -0.34 -3.60
C ALA C 191 -14.30 -0.22 -2.96
N TYR C 192 -13.40 0.55 -3.57
CA TYR C 192 -12.09 0.76 -2.98
C TYR C 192 -12.18 1.37 -1.59
N LEU C 193 -13.05 2.37 -1.40
CA LEU C 193 -13.19 2.98 -0.09
C LEU C 193 -13.79 2.02 0.90
N HIS C 194 -14.77 1.23 0.47
CA HIS C 194 -15.38 0.25 1.37
C HIS C 194 -14.37 -0.80 1.82
N ALA C 195 -13.56 -1.29 0.90
CA ALA C 195 -12.54 -2.28 1.26
C ALA C 195 -11.48 -1.68 2.17
N THR C 196 -11.08 -0.44 1.89
CA THR C 196 -10.10 0.23 2.75
C THR C 196 -10.65 0.44 4.15
N ALA C 197 -11.94 0.75 4.27
CA ALA C 197 -12.59 0.83 5.57
C ALA C 197 -12.60 -0.53 6.28
N LEU C 198 -12.85 -1.60 5.54
CA LEU C 198 -12.89 -2.92 6.15
C LEU C 198 -11.55 -3.27 6.78
N VAL C 199 -10.44 -3.14 6.02
CA VAL C 199 -9.14 -3.41 6.63
C VAL C 199 -8.83 -2.35 7.69
N GLY C 200 -9.26 -1.12 7.47
CA GLY C 200 -9.08 -0.04 8.43
C GLY C 200 -9.71 -0.30 9.78
N SER C 201 -10.72 -1.18 9.83
CA SER C 201 -11.38 -1.51 11.09
C SER C 201 -10.43 -2.21 12.07
N GLU C 202 -9.30 -2.71 11.60
CA GLU C 202 -8.29 -3.32 12.46
C GLU C 202 -6.99 -2.52 12.46
N GLY C 203 -7.04 -1.26 12.06
CA GLY C 203 -5.90 -0.38 12.14
C GLY C 203 -4.93 -0.48 10.99
N VAL C 204 -5.28 -1.18 9.92
CA VAL C 204 -4.44 -1.22 8.74
C VAL C 204 -4.54 0.12 8.02
N PRO C 205 -3.45 0.88 7.91
CA PRO C 205 -3.51 2.16 7.19
C PRO C 205 -3.93 1.97 5.74
N ALA C 206 -4.62 2.97 5.20
CA ALA C 206 -5.03 2.91 3.80
C ALA C 206 -3.82 2.75 2.89
N GLU C 207 -2.72 3.44 3.18
CA GLU C 207 -1.52 3.37 2.36
C GLU C 207 -0.82 2.01 2.49
N GLU C 208 -1.19 1.22 3.49
CA GLU C 208 -0.66 -0.14 3.64
C GLU C 208 -1.45 -1.14 2.82
N PHE C 209 -2.77 -0.94 2.69
CA PHE C 209 -3.60 -1.79 1.85
C PHE C 209 -3.51 -1.39 0.37
N LEU C 210 -3.17 -0.15 0.09
CA LEU C 210 -3.12 0.34 -1.29
C LEU C 210 -2.41 -0.60 -2.25
N PRO C 211 -1.21 -1.14 -1.94
CA PRO C 211 -0.56 -2.05 -2.89
C PRO C 211 -1.44 -3.22 -3.28
N TYR C 212 -2.14 -3.80 -2.31
CA TYR C 212 -2.99 -4.95 -2.58
C TYR C 212 -4.21 -4.56 -3.40
N ALA C 213 -4.81 -3.40 -3.11
CA ALA C 213 -5.92 -2.94 -3.94
C ALA C 213 -5.44 -2.67 -5.36
N THR C 214 -4.28 -2.05 -5.50
CA THR C 214 -3.76 -1.73 -6.83
C THR C 214 -3.52 -2.99 -7.65
N GLU C 215 -2.94 -4.02 -7.02
CA GLU C 215 -2.68 -5.24 -7.76
C GLU C 215 -3.97 -6.01 -8.05
N MET C 216 -5.00 -5.84 -7.23
CA MET C 216 -6.30 -6.43 -7.56
C MET C 216 -6.78 -5.94 -8.92
N PHE C 217 -6.73 -4.63 -9.15
CA PHE C 217 -7.20 -4.05 -10.41
C PHE C 217 -6.32 -4.47 -11.58
N ASP C 218 -5.01 -4.60 -11.36
CA ASP C 218 -4.13 -5.11 -12.41
C ASP C 218 -4.38 -6.57 -12.74
N SER C 219 -5.01 -7.32 -11.81
CA SER C 219 -5.33 -8.72 -12.05
C SER C 219 -6.55 -8.91 -12.94
N MET C 220 -7.29 -7.84 -13.25
CA MET C 220 -8.51 -7.93 -14.05
C MET C 220 -8.12 -7.80 -15.52
N SER C 221 -7.53 -8.87 -16.05
CA SER C 221 -7.11 -8.96 -17.44
C SER C 221 -7.95 -9.92 -18.26
N PHE C 222 -9.13 -10.29 -17.76
CA PHE C 222 -10.02 -11.24 -18.41
C PHE C 222 -11.32 -10.61 -18.86
N LEU C 223 -11.40 -9.27 -18.86
CA LEU C 223 -12.64 -8.60 -19.26
C LEU C 223 -12.98 -8.94 -20.70
N GLU C 224 -11.98 -9.17 -21.54
CA GLU C 224 -12.26 -9.54 -22.92
C GLU C 224 -13.10 -10.81 -22.98
N GLU C 225 -12.73 -11.83 -22.19
CA GLU C 225 -13.49 -13.07 -22.19
C GLU C 225 -14.94 -12.80 -21.80
N MET C 226 -15.15 -12.01 -20.75
CA MET C 226 -16.50 -11.66 -20.32
C MET C 226 -17.24 -10.94 -21.43
N ALA C 227 -16.61 -9.95 -22.06
CA ALA C 227 -17.25 -9.22 -23.14
C ALA C 227 -17.65 -10.17 -24.28
N GLU C 228 -16.80 -11.14 -24.56
CA GLU C 228 -17.13 -12.14 -25.58
C GLU C 228 -18.33 -12.97 -25.15
N GLN C 229 -18.37 -13.36 -23.87
CA GLN C 229 -19.52 -14.11 -23.37
C GLN C 229 -20.80 -13.29 -23.50
N ILE C 230 -20.76 -12.04 -23.06
CA ILE C 230 -21.93 -11.18 -23.13
C ILE C 230 -22.39 -11.03 -24.57
N ASP C 231 -21.45 -10.81 -25.49
CA ASP C 231 -21.79 -10.55 -26.87
C ASP C 231 -22.32 -11.80 -27.57
N ALA C 232 -22.06 -12.99 -27.04
CA ALA C 232 -22.63 -14.22 -27.55
C ALA C 232 -23.87 -14.65 -26.79
N GLY C 233 -24.15 -14.03 -25.65
CA GLY C 233 -25.27 -14.46 -24.83
C GLY C 233 -25.10 -15.84 -24.24
N GLU C 234 -23.87 -16.27 -23.99
CA GLU C 234 -23.56 -17.59 -23.47
C GLU C 234 -22.55 -17.45 -22.35
N TYR C 235 -22.87 -18.03 -21.19
CA TYR C 235 -22.08 -17.86 -19.96
C TYR C 235 -21.62 -19.21 -19.48
N PRO C 236 -20.69 -19.84 -20.20
CA PRO C 236 -20.24 -21.19 -19.86
C PRO C 236 -19.64 -21.24 -18.46
N GLY C 237 -20.27 -22.01 -17.58
CA GLY C 237 -19.72 -22.25 -16.27
C GLY C 237 -18.47 -23.11 -16.33
N ASP C 238 -17.61 -22.90 -15.36
CA ASP C 238 -16.35 -23.62 -15.33
C ASP C 238 -15.62 -23.40 -14.00
N GLU C 239 -14.83 -22.34 -13.91
CA GLU C 239 -13.98 -22.07 -12.76
C GLU C 239 -14.52 -20.97 -11.86
N ASP C 240 -15.63 -20.32 -12.24
CA ASP C 240 -16.13 -19.15 -11.53
C ASP C 240 -17.66 -19.09 -11.69
N THR C 241 -18.34 -20.01 -11.02
CA THR C 241 -19.79 -19.99 -11.03
C THR C 241 -20.31 -18.73 -10.33
N LEU C 242 -21.54 -18.37 -10.65
CA LEU C 242 -22.19 -17.28 -9.94
C LEU C 242 -22.50 -17.66 -8.49
N ALA C 243 -22.81 -18.93 -8.25
CA ALA C 243 -23.03 -19.39 -6.89
C ALA C 243 -21.77 -19.21 -6.06
N MET C 244 -20.60 -19.44 -6.66
CA MET C 244 -19.35 -19.21 -5.95
C MET C 244 -19.22 -17.76 -5.51
N GLY C 245 -19.45 -16.83 -6.43
CA GLY C 245 -19.40 -15.43 -6.07
C GLY C 245 -20.42 -15.07 -5.02
N ALA C 246 -21.61 -15.66 -5.09
CA ALA C 246 -22.64 -15.39 -4.09
C ALA C 246 -22.18 -15.81 -2.70
N ALA C 247 -21.54 -16.97 -2.58
CA ALA C 247 -21.03 -17.38 -1.27
C ALA C 247 -19.95 -16.42 -0.76
N GLY C 248 -19.05 -16.00 -1.64
CA GLY C 248 -18.00 -15.08 -1.24
C GLY C 248 -18.54 -13.71 -0.86
N VAL C 249 -19.56 -13.24 -1.58
CA VAL C 249 -20.16 -11.95 -1.25
C VAL C 249 -20.80 -12.02 0.13
N ASP C 250 -21.36 -13.18 0.51
CA ASP C 250 -21.92 -13.32 1.85
C ASP C 250 -20.85 -13.16 2.92
N HIS C 251 -19.68 -13.75 2.69
CA HIS C 251 -18.56 -13.57 3.60
C HIS C 251 -18.19 -12.10 3.76
N ILE C 252 -18.21 -11.36 2.66
CA ILE C 252 -17.90 -9.94 2.72
C ILE C 252 -18.96 -9.20 3.53
N VAL C 253 -20.23 -9.49 3.27
CA VAL C 253 -21.31 -8.89 4.06
C VAL C 253 -21.13 -9.20 5.54
N HIS C 254 -20.87 -10.47 5.86
CA HIS C 254 -20.74 -10.86 7.26
C HIS C 254 -19.51 -10.24 7.89
N ALA C 255 -18.38 -10.22 7.18
CA ALA C 255 -17.19 -9.57 7.70
C ALA C 255 -17.43 -8.09 7.94
N SER C 256 -18.09 -7.42 6.99
CA SER C 256 -18.39 -6.00 7.13
C SER C 256 -19.25 -5.71 8.37
N ARG C 257 -20.31 -6.49 8.53
CA ARG C 257 -21.13 -6.38 9.73
C ARG C 257 -20.30 -6.54 11.00
N ASP C 258 -19.58 -7.66 11.13
CA ASP C 258 -18.72 -7.91 12.29
C ASP C 258 -17.76 -6.76 12.55
N ALA C 259 -17.26 -6.14 11.49
CA ALA C 259 -16.26 -5.09 11.65
C ALA C 259 -16.87 -3.75 12.06
N GLY C 260 -18.19 -3.63 12.06
CA GLY C 260 -18.83 -2.37 12.38
C GLY C 260 -18.82 -1.33 11.28
N ILE C 261 -18.64 -1.73 10.02
CA ILE C 261 -18.66 -0.79 8.91
C ILE C 261 -19.99 -0.93 8.19
N ASP C 262 -20.23 -0.10 7.20
CA ASP C 262 -21.50 -0.16 6.51
C ASP C 262 -21.62 -1.41 5.66
N THR C 263 -22.84 -1.93 5.59
CA THR C 263 -23.11 -3.15 4.84
C THR C 263 -23.99 -2.90 3.63
N ALA C 264 -24.41 -1.66 3.41
CA ALA C 264 -25.33 -1.34 2.32
C ALA C 264 -24.75 -1.73 0.97
N LEU C 265 -23.49 -1.37 0.73
CA LEU C 265 -22.87 -1.71 -0.56
C LEU C 265 -22.77 -3.21 -0.77
N PRO C 266 -22.11 -3.98 0.12
CA PRO C 266 -22.05 -5.44 -0.11
C PRO C 266 -23.42 -6.10 -0.12
N GLU C 267 -24.38 -5.57 0.64
CA GLU C 267 -25.72 -6.12 0.63
C GLU C 267 -26.38 -5.93 -0.73
N ALA C 268 -26.17 -4.78 -1.36
CA ALA C 268 -26.70 -4.55 -2.70
C ALA C 268 -26.12 -5.55 -3.69
N VAL C 269 -24.82 -5.80 -3.62
CA VAL C 269 -24.19 -6.80 -4.49
C VAL C 269 -24.77 -8.18 -4.19
N LYS C 270 -24.94 -8.50 -2.91
CA LYS C 270 -25.50 -9.80 -2.55
C LYS C 270 -26.90 -10.00 -3.11
N ALA C 271 -27.75 -8.97 -3.04
CA ALA C 271 -29.12 -9.12 -3.50
C ALA C 271 -29.19 -9.38 -4.99
N LEU C 272 -28.25 -8.81 -5.75
CA LEU C 272 -28.21 -9.04 -7.18
C LEU C 272 -27.81 -10.49 -7.48
N PHE C 273 -26.83 -11.01 -6.73
CA PHE C 273 -26.45 -12.41 -6.89
C PHE C 273 -27.62 -13.33 -6.57
N ARG C 274 -28.37 -13.02 -5.51
CA ARG C 274 -29.56 -13.82 -5.19
C ARG C 274 -30.59 -13.77 -6.32
N ARG C 275 -30.80 -12.58 -6.89
CA ARG C 275 -31.71 -12.46 -8.03
C ARG C 275 -31.29 -13.39 -9.17
N ALA C 276 -30.00 -13.38 -9.51
CA ALA C 276 -29.54 -14.17 -10.64
C ALA C 276 -29.61 -15.66 -10.36
N ILE C 277 -29.34 -16.07 -9.12
CA ILE C 277 -29.45 -17.48 -8.77
C ILE C 277 -30.91 -17.92 -8.82
N ALA C 278 -31.82 -17.09 -8.31
CA ALA C 278 -33.24 -17.40 -8.43
C ALA C 278 -33.67 -17.49 -9.89
N ALA C 279 -32.96 -16.79 -10.78
CA ALA C 279 -33.23 -16.88 -12.21
C ALA C 279 -32.56 -18.07 -12.86
N GLY C 280 -31.72 -18.81 -12.13
CA GLY C 280 -31.13 -20.03 -12.65
C GLY C 280 -29.80 -19.87 -13.35
N HIS C 281 -28.95 -19.00 -12.81
CA HIS C 281 -27.61 -18.80 -13.34
C HIS C 281 -26.54 -19.27 -12.37
N GLY C 282 -26.93 -19.94 -11.28
CA GLY C 282 -25.98 -20.27 -10.23
C GLY C 282 -24.82 -21.08 -10.72
N GLU C 283 -25.02 -21.93 -11.73
CA GLU C 283 -23.97 -22.77 -12.26
C GLU C 283 -23.26 -22.15 -13.46
N ASP C 284 -23.82 -21.07 -14.03
CA ASP C 284 -23.18 -20.36 -15.12
C ASP C 284 -22.02 -19.53 -14.60
N SER C 285 -21.23 -19.00 -15.53
CA SER C 285 -20.18 -18.06 -15.17
C SER C 285 -20.81 -16.84 -14.49
N PHE C 286 -20.04 -16.17 -13.65
CA PHE C 286 -20.58 -15.01 -12.96
C PHE C 286 -20.93 -13.87 -13.92
N THR C 287 -20.47 -13.95 -15.17
CA THR C 287 -20.88 -12.99 -16.19
C THR C 287 -22.39 -12.99 -16.37
N SER C 288 -23.04 -14.13 -16.08
CA SER C 288 -24.48 -14.24 -16.19
C SER C 288 -25.20 -13.21 -15.33
N LEU C 289 -24.49 -12.62 -14.37
CA LEU C 289 -25.11 -11.60 -13.53
C LEU C 289 -25.68 -10.46 -14.36
N ILE C 290 -25.11 -10.22 -15.56
CA ILE C 290 -25.61 -9.15 -16.41
C ILE C 290 -27.08 -9.36 -16.75
N GLU C 291 -27.52 -10.61 -16.73
CA GLU C 291 -28.92 -10.90 -17.07
C GLU C 291 -29.90 -10.29 -16.07
N VAL C 292 -29.51 -10.19 -14.79
CA VAL C 292 -30.37 -9.52 -13.81
C VAL C 292 -30.10 -8.02 -13.82
N LEU C 293 -28.87 -7.62 -14.15
CA LEU C 293 -28.53 -6.20 -14.19
C LEU C 293 -29.30 -5.49 -15.29
N ARG C 294 -29.73 -6.22 -16.32
CA ARG C 294 -30.47 -5.60 -17.41
C ARG C 294 -31.99 -5.57 -17.14
N LYS C 295 -32.47 -6.30 -16.14
CA LYS C 295 -33.91 -6.44 -15.89
C LYS C 295 -34.27 -5.76 -14.58
N PRO C 296 -35.07 -4.70 -14.59
CA PRO C 296 -35.53 -4.10 -13.32
C PRO C 296 -36.28 -5.13 -12.48
N ALA C 297 -36.00 -5.14 -11.18
CA ALA C 297 -36.67 -6.03 -10.26
C ALA C 297 -38.11 -5.58 -10.02
N ASN D 11 -5.90 -7.73 22.40
CA ASN D 11 -4.95 -7.32 23.42
C ASN D 11 -4.15 -8.50 23.93
N ASN D 12 -4.12 -8.62 25.26
CA ASN D 12 -3.32 -9.68 25.92
C ASN D 12 -1.88 -9.58 25.44
N GLN D 13 -1.35 -8.37 25.38
CA GLN D 13 0.06 -8.26 25.01
C GLN D 13 0.80 -7.63 26.17
N PRO D 14 1.76 -8.32 26.77
CA PRO D 14 2.41 -7.75 27.98
C PRO D 14 3.06 -6.41 27.68
N VAL D 15 2.87 -5.46 28.60
CA VAL D 15 3.48 -4.14 28.48
C VAL D 15 3.95 -3.69 29.86
N THR D 16 5.17 -3.17 29.93
CA THR D 16 5.74 -2.59 31.13
C THR D 16 5.79 -1.07 30.99
N VAL D 17 5.41 -0.36 32.06
CA VAL D 17 5.43 1.09 32.08
C VAL D 17 6.35 1.51 33.23
N ILE D 18 7.52 2.03 32.89
CA ILE D 18 8.45 2.56 33.88
C ILE D 18 8.28 4.07 33.91
N GLY D 19 7.88 4.60 35.06
CA GLY D 19 7.62 6.01 35.20
C GLY D 19 6.16 6.29 35.46
N LEU D 20 5.79 6.36 36.75
CA LEU D 20 4.39 6.46 37.14
C LEU D 20 4.02 7.88 37.59
N GLY D 21 4.46 8.86 36.81
CA GLY D 21 3.97 10.21 36.97
C GLY D 21 2.59 10.35 36.38
N PRO D 22 2.11 11.58 36.19
CA PRO D 22 0.77 11.74 35.58
C PRO D 22 0.65 11.03 34.24
N MET D 23 1.62 11.20 33.35
CA MET D 23 1.53 10.63 32.02
C MET D 23 1.58 9.10 32.11
N GLY D 24 2.57 8.57 32.82
CA GLY D 24 2.73 7.12 32.90
C GLY D 24 1.58 6.42 33.58
N GLN D 25 0.98 7.05 34.59
CA GLN D 25 -0.19 6.46 35.22
C GLN D 25 -1.37 6.44 34.25
N ALA D 26 -1.54 7.52 33.48
CA ALA D 26 -2.58 7.55 32.46
C ALA D 26 -2.32 6.48 31.39
N MET D 27 -1.07 6.33 30.98
CA MET D 27 -0.74 5.33 29.96
C MET D 27 -1.00 3.93 30.47
N ALA D 28 -0.53 3.64 31.69
CA ALA D 28 -0.71 2.30 32.25
C ALA D 28 -2.18 1.97 32.44
N GLY D 29 -2.97 2.96 32.90
CA GLY D 29 -4.40 2.74 33.02
C GLY D 29 -5.04 2.38 31.69
N ALA D 30 -4.61 3.05 30.63
CA ALA D 30 -5.13 2.75 29.29
C ALA D 30 -4.86 1.29 28.93
N PHE D 31 -3.60 0.87 29.01
CA PHE D 31 -3.25 -0.50 28.63
C PHE D 31 -4.06 -1.53 29.40
N LEU D 32 -4.25 -1.30 30.70
CA LEU D 32 -5.02 -2.24 31.51
C LEU D 32 -6.48 -2.25 31.08
N ALA D 33 -7.07 -1.07 30.86
CA ALA D 33 -8.43 -1.00 30.36
C ALA D 33 -8.55 -1.65 28.98
N ALA D 34 -7.47 -1.64 28.20
CA ALA D 34 -7.47 -2.24 26.87
C ALA D 34 -7.25 -3.75 26.91
N GLY D 35 -7.04 -4.33 28.09
CA GLY D 35 -6.86 -5.75 28.22
C GLY D 35 -5.42 -6.24 28.20
N HIS D 36 -4.45 -5.35 28.25
CA HIS D 36 -3.05 -5.75 28.23
C HIS D 36 -2.61 -6.11 29.65
N PRO D 37 -1.86 -7.21 29.82
CA PRO D 37 -1.23 -7.47 31.12
C PRO D 37 -0.14 -6.43 31.37
N VAL D 38 -0.28 -5.69 32.46
CA VAL D 38 0.53 -4.49 32.70
C VAL D 38 1.35 -4.66 33.97
N THR D 39 2.67 -4.48 33.84
CA THR D 39 3.62 -4.49 34.95
C THR D 39 4.22 -3.10 35.04
N VAL D 40 4.32 -2.56 36.25
CA VAL D 40 4.74 -1.18 36.43
C VAL D 40 5.90 -1.07 37.40
N TRP D 41 6.48 0.13 37.42
CA TRP D 41 7.60 0.42 38.31
C TRP D 41 7.77 1.93 38.43
N ASN D 42 8.16 2.37 39.62
CA ASN D 42 8.43 3.78 39.86
C ASN D 42 9.42 3.89 41.01
N ARG D 43 10.28 4.92 40.94
CA ARG D 43 11.19 5.19 42.04
C ARG D 43 10.43 5.33 43.35
N THR D 44 9.25 5.94 43.30
CA THR D 44 8.38 6.13 44.47
C THR D 44 7.21 5.17 44.33
N PRO D 45 7.25 4.01 45.00
CA PRO D 45 6.18 3.01 44.76
C PRO D 45 4.79 3.52 45.08
N SER D 46 4.66 4.47 46.02
CA SER D 46 3.34 4.94 46.44
C SER D 46 2.45 5.30 45.25
N LYS D 47 3.05 5.76 44.16
CA LYS D 47 2.30 6.19 42.98
C LYS D 47 1.88 5.04 42.09
N ALA D 48 2.10 3.79 42.52
CA ALA D 48 1.62 2.62 41.81
C ALA D 48 0.43 1.97 42.50
N ASP D 49 0.01 2.49 43.66
CA ASP D 49 -1.02 1.82 44.45
C ASP D 49 -2.32 1.70 43.67
N ALA D 50 -2.83 2.81 43.14
CA ALA D 50 -4.07 2.77 42.38
C ALA D 50 -4.01 1.70 41.29
N LEU D 51 -2.96 1.74 40.46
CA LEU D 51 -2.87 0.83 39.32
C LEU D 51 -2.85 -0.63 39.76
N VAL D 52 -1.99 -0.97 40.73
CA VAL D 52 -1.90 -2.36 41.16
C VAL D 52 -3.27 -2.85 41.63
N ALA D 53 -4.08 -1.96 42.21
CA ALA D 53 -5.44 -2.31 42.59
C ALA D 53 -6.30 -2.55 41.36
N GLN D 54 -6.16 -1.69 40.33
CA GLN D 54 -6.87 -1.88 39.08
C GLN D 54 -6.46 -3.15 38.35
N GLY D 55 -5.39 -3.81 38.80
CA GLY D 55 -4.96 -5.06 38.20
C GLY D 55 -3.50 -5.06 37.79
N ALA D 56 -2.82 -3.95 38.03
CA ALA D 56 -1.41 -3.84 37.65
C ALA D 56 -0.54 -4.70 38.56
N VAL D 57 0.69 -4.93 38.11
CA VAL D 57 1.67 -5.70 38.86
C VAL D 57 2.87 -4.79 39.12
N ALA D 59 6.46 -4.09 40.03
CA ALA D 59 7.72 -4.85 39.96
C ALA D 59 8.61 -4.50 41.15
N ALA D 60 9.29 -5.48 41.71
CA ALA D 60 10.21 -5.27 42.83
C ALA D 60 11.48 -4.60 42.34
N THR D 61 12.04 -5.11 41.25
CA THR D 61 13.32 -4.62 40.72
C THR D 61 13.17 -4.24 39.27
N VAL D 62 13.94 -3.23 38.83
CA VAL D 62 13.85 -2.80 37.43
C VAL D 62 14.09 -3.97 36.48
N ALA D 63 15.00 -4.89 36.85
CA ALA D 63 15.17 -6.10 36.06
C ALA D 63 13.89 -6.92 36.02
N GLU D 64 13.09 -6.88 37.08
CA GLU D 64 11.79 -7.55 37.08
C GLU D 64 10.86 -6.93 36.05
N ALA D 65 10.67 -5.61 36.13
CA ALA D 65 9.83 -4.91 35.15
C ALA D 65 10.29 -5.23 33.73
N LEU D 66 11.60 -5.11 33.48
CA LEU D 66 12.11 -5.35 32.14
C LEU D 66 11.80 -6.77 31.68
N ALA D 67 11.91 -7.75 32.59
CA ALA D 67 11.67 -9.13 32.21
C ALA D 67 10.18 -9.41 32.01
N ALA D 68 9.32 -8.63 32.65
CA ALA D 68 7.89 -8.93 32.62
C ALA D 68 7.32 -8.78 31.21
N SER D 69 7.88 -7.91 30.39
CA SER D 69 7.29 -7.61 29.09
C SER D 69 8.39 -7.26 28.10
N GLU D 70 8.17 -7.64 26.84
CA GLU D 70 9.09 -7.22 25.78
C GLU D 70 8.98 -5.72 25.54
N LEU D 71 7.76 -5.21 25.46
CA LEU D 71 7.52 -3.78 25.25
C LEU D 71 7.63 -3.05 26.58
N VAL D 72 8.52 -2.07 26.66
CA VAL D 72 8.73 -1.29 27.87
C VAL D 72 8.52 0.17 27.51
N VAL D 73 7.46 0.76 28.06
CA VAL D 73 7.16 2.17 27.84
C VAL D 73 7.76 2.99 28.98
N LEU D 74 8.54 4.03 28.62
CA LEU D 74 9.19 4.89 29.58
C LEU D 74 8.53 6.26 29.53
N SER D 75 8.13 6.76 30.70
CA SER D 75 7.54 8.10 30.84
C SER D 75 8.21 8.75 32.05
N LEU D 76 9.38 9.34 31.84
CA LEU D 76 10.20 9.95 32.88
C LEU D 76 10.49 11.39 32.47
N THR D 77 10.97 12.18 33.43
CA THR D 77 11.20 13.59 33.17
C THR D 77 12.17 13.80 32.02
N ASP D 78 13.26 13.05 32.02
CA ASP D 78 14.32 13.24 31.02
C ASP D 78 15.10 11.93 30.88
N TYR D 79 16.11 11.98 30.02
CA TYR D 79 16.91 10.78 29.74
C TYR D 79 17.88 10.47 30.87
N ASP D 80 18.40 11.50 31.54
CA ASP D 80 19.24 11.26 32.72
C ASP D 80 18.55 10.34 33.70
N ALA D 81 17.24 10.52 33.89
CA ALA D 81 16.49 9.61 34.75
C ALA D 81 16.42 8.22 34.15
N MET D 82 16.24 8.12 32.83
CA MET D 82 16.22 6.80 32.21
C MET D 82 17.50 6.04 32.52
N TYR D 83 18.66 6.68 32.34
CA TYR D 83 19.93 6.01 32.57
C TYR D 83 20.11 5.67 34.05
N ALA D 84 19.58 6.51 34.94
CA ALA D 84 19.69 6.21 36.37
C ALA D 84 18.90 4.97 36.74
N ILE D 85 17.78 4.72 36.08
CA ILE D 85 16.94 3.58 36.42
C ILE D 85 17.43 2.31 35.75
N LEU D 86 17.83 2.42 34.47
CA LEU D 86 18.07 1.21 33.69
C LEU D 86 19.54 0.76 33.67
N GLU D 87 20.48 1.69 33.74
CA GLU D 87 21.88 1.29 33.62
C GLU D 87 22.27 0.21 34.62
N PRO D 88 21.86 0.27 35.89
CA PRO D 88 22.14 -0.86 36.79
C PRO D 88 21.61 -2.18 36.27
N ALA D 89 20.56 -2.14 35.44
CA ALA D 89 19.89 -3.34 34.95
C ALA D 89 20.02 -3.50 33.44
N ALA D 90 21.10 -2.97 32.86
CA ALA D 90 21.24 -2.98 31.41
C ALA D 90 21.36 -4.40 30.85
N ASP D 91 21.64 -5.40 31.72
CA ASP D 91 21.72 -6.80 31.32
C ASP D 91 20.36 -7.38 31.04
N ALA D 92 19.33 -6.79 31.63
CA ALA D 92 17.98 -7.23 31.42
C ALA D 92 17.36 -6.60 30.19
N LEU D 93 18.06 -5.69 29.53
CA LEU D 93 17.53 -4.99 28.37
C LEU D 93 17.53 -5.84 27.11
N ALA D 94 18.25 -6.97 27.11
CA ALA D 94 18.34 -7.80 25.92
C ALA D 94 16.97 -8.25 25.46
N GLY D 95 16.74 -8.15 24.15
CA GLY D 95 15.50 -8.58 23.56
C GLY D 95 14.29 -7.72 23.87
N ARG D 96 14.45 -6.65 24.64
CA ARG D 96 13.35 -5.77 25.00
C ARG D 96 13.16 -4.72 23.91
N VAL D 97 11.94 -4.20 23.82
CA VAL D 97 11.65 -3.07 22.95
C VAL D 97 11.37 -1.87 23.86
N LEU D 98 12.27 -0.90 23.85
CA LEU D 98 12.13 0.30 24.66
C LEU D 98 11.41 1.38 23.85
N VAL D 99 10.28 1.84 24.36
CA VAL D 99 9.53 2.92 23.76
C VAL D 99 9.63 4.10 24.72
N ASN D 100 10.51 5.05 24.43
CA ASN D 100 10.72 6.19 25.31
C ASN D 100 9.82 7.33 24.88
N LEU D 101 8.79 7.61 25.68
CA LEU D 101 7.85 8.69 25.45
C LEU D 101 8.22 9.94 26.25
N SER D 102 9.43 9.99 26.79
CA SER D 102 9.93 11.13 27.54
C SER D 102 10.48 12.20 26.61
N SER D 103 10.30 13.45 27.00
CA SER D 103 10.75 14.57 26.18
C SER D 103 12.22 14.85 26.44
N ASP D 104 13.04 14.75 25.40
CA ASP D 104 14.45 15.13 25.46
C ASP D 104 14.88 15.43 24.03
N THR D 105 16.15 15.77 23.86
CA THR D 105 16.60 16.27 22.58
C THR D 105 16.62 15.16 21.53
N PRO D 106 16.37 15.50 20.24
CA PRO D 106 16.56 14.50 19.18
C PRO D 106 17.93 13.83 19.27
N GLU D 107 18.96 14.59 19.61
CA GLU D 107 20.31 14.03 19.72
C GLU D 107 20.42 13.10 20.92
N ARG D 108 19.71 13.40 22.01
CA ARG D 108 19.67 12.47 23.15
C ARG D 108 18.99 11.17 22.73
N ALA D 109 17.95 11.27 21.88
CA ALA D 109 17.28 10.07 21.42
C ALA D 109 18.19 9.20 20.58
N ARG D 110 18.96 9.82 19.67
CA ARG D 110 19.91 9.05 18.86
C ARG D 110 20.99 8.41 19.74
N GLU D 111 21.47 9.14 20.74
CA GLU D 111 22.41 8.57 21.70
C GLU D 111 21.81 7.36 22.42
N ALA D 112 20.58 7.50 22.92
CA ALA D 112 19.97 6.40 23.66
C ALA D 112 19.72 5.18 22.78
N ALA D 113 19.28 5.41 21.54
CA ALA D 113 19.04 4.29 20.62
C ALA D 113 20.30 3.46 20.42
N ALA D 114 21.44 4.13 20.26
CA ALA D 114 22.70 3.39 20.17
C ALA D 114 23.00 2.65 21.46
N TRP D 115 22.82 3.29 22.61
CA TRP D 115 23.03 2.64 23.90
C TRP D 115 22.16 1.40 24.04
N ALA D 116 20.87 1.56 23.76
CA ALA D 116 19.95 0.43 23.81
C ALA D 116 20.43 -0.70 22.90
N ALA D 117 20.84 -0.35 21.67
CA ALA D 117 21.25 -1.37 20.72
C ALA D 117 22.45 -2.16 21.22
N GLU D 118 23.43 -1.48 21.83
CA GLU D 118 24.61 -2.17 22.35
C GLU D 118 24.22 -3.14 23.46
N HIS D 119 23.10 -2.88 24.14
CA HIS D 119 22.58 -3.76 25.17
C HIS D 119 21.50 -4.70 24.64
N GLY D 120 21.37 -4.81 23.33
CA GLY D 120 20.52 -5.80 22.71
C GLY D 120 19.05 -5.43 22.65
N ALA D 121 18.72 -4.17 22.87
CA ALA D 121 17.33 -3.74 22.93
C ALA D 121 17.00 -2.87 21.73
N ARG D 122 15.77 -3.01 21.24
CA ARG D 122 15.25 -2.12 20.22
C ARG D 122 14.76 -0.83 20.87
N TYR D 123 14.77 0.26 20.10
CA TYR D 123 14.49 1.59 20.64
C TYR D 123 13.58 2.36 19.69
N LEU D 124 12.40 2.72 20.20
CA LEU D 124 11.46 3.63 19.55
C LEU D 124 11.34 4.87 20.43
N THR D 125 11.38 6.03 19.79
CA THR D 125 11.19 7.32 20.42
C THR D 125 9.78 7.79 20.12
N GLY D 126 9.15 8.43 21.09
CA GLY D 126 7.79 8.90 20.94
C GLY D 126 7.62 10.30 21.49
N GLY D 127 6.67 11.02 20.90
CA GLY D 127 6.30 12.34 21.35
C GLY D 127 4.81 12.47 21.52
N VAL D 128 4.36 12.53 22.78
CA VAL D 128 2.94 12.53 23.11
C VAL D 128 2.41 13.94 22.94
N MET D 129 1.49 14.13 22.00
CA MET D 129 0.96 15.45 21.69
C MET D 129 -0.37 15.70 22.40
N VAL D 130 -0.54 15.12 23.58
CA VAL D 130 -1.71 15.40 24.40
C VAL D 130 -1.31 15.35 25.88
N PRO D 131 -2.09 16.00 26.75
CA PRO D 131 -1.82 15.91 28.20
C PRO D 131 -2.28 14.57 28.75
N PRO D 132 -1.95 14.28 30.01
CA PRO D 132 -2.31 12.96 30.59
C PRO D 132 -3.81 12.70 30.50
N PRO D 133 -4.65 13.69 30.81
CA PRO D 133 -6.10 13.48 30.63
C PRO D 133 -6.47 13.10 29.19
N GLY D 134 -5.63 13.44 28.22
CA GLY D 134 -5.94 13.15 26.84
C GLY D 134 -5.57 11.75 26.39
N ILE D 135 -4.65 11.10 27.09
CA ILE D 135 -4.22 9.76 26.71
C ILE D 135 -5.45 8.88 26.52
N GLY D 136 -5.57 8.28 25.34
CA GLY D 136 -6.70 7.42 25.04
C GLY D 136 -7.90 8.13 24.44
N THR D 137 -7.85 9.46 24.31
CA THR D 137 -8.95 10.19 23.73
C THR D 137 -8.90 10.15 22.21
N PRO D 138 -10.00 10.48 21.53
CA PRO D 138 -9.97 10.50 20.06
C PRO D 138 -9.03 11.55 19.49
N GLU D 139 -8.71 12.59 20.26
CA GLU D 139 -7.83 13.66 19.81
C GLU D 139 -6.35 13.33 20.00
N ALA D 140 -6.04 12.32 20.81
CA ALA D 140 -4.67 12.03 21.19
C ALA D 140 -3.90 11.41 20.05
N TYR D 141 -2.63 11.79 19.91
CA TYR D 141 -1.73 11.21 18.92
C TYR D 141 -0.31 11.34 19.44
N VAL D 142 0.56 10.46 18.94
CA VAL D 142 1.94 10.36 19.40
C VAL D 142 2.84 10.19 18.18
N PHE D 143 3.86 11.03 18.07
CA PHE D 143 4.87 10.84 17.03
C PHE D 143 5.71 9.62 17.41
N TYR D 144 6.08 8.83 16.41
CA TYR D 144 6.93 7.67 16.65
C TYR D 144 8.02 7.62 15.60
N SER D 145 9.24 7.29 16.04
CA SER D 145 10.38 7.18 15.15
C SER D 145 11.31 6.08 15.67
N GLY D 146 12.04 5.49 14.74
CA GLY D 146 12.77 4.27 15.01
C GLY D 146 12.39 3.18 14.04
N PRO D 147 12.86 1.90 14.33
CA PRO D 147 12.79 0.88 13.27
C PRO D 147 11.37 0.64 12.85
N ARG D 148 11.07 0.78 11.55
CA ARG D 148 9.69 0.65 11.10
C ARG D 148 9.09 -0.69 11.50
N GLU D 149 9.82 -1.78 11.23
CA GLU D 149 9.31 -3.11 11.59
C GLU D 149 9.01 -3.21 13.07
N VAL D 150 9.84 -2.62 13.92
CA VAL D 150 9.59 -2.65 15.36
C VAL D 150 8.32 -1.88 15.69
N PHE D 151 8.15 -0.69 15.11
CA PHE D 151 6.96 0.09 15.35
C PHE D 151 5.71 -0.66 14.91
N GLU D 152 5.69 -1.15 13.66
CA GLU D 152 4.52 -1.86 13.16
C GLU D 152 4.18 -3.07 14.03
N ALA D 153 5.18 -3.66 14.67
CA ALA D 153 4.95 -4.86 15.47
C ALA D 153 4.18 -4.56 16.75
N HIS D 154 4.28 -3.33 17.26
CA HIS D 154 3.64 -2.96 18.51
C HIS D 154 2.66 -1.80 18.33
N ARG D 155 2.41 -1.41 17.08
CA ARG D 155 1.51 -0.30 16.79
C ARG D 155 0.14 -0.49 17.43
N ALA D 156 -0.31 -1.73 17.57
CA ALA D 156 -1.63 -1.98 18.13
C ALA D 156 -1.68 -1.62 19.62
N THR D 157 -0.66 -2.03 20.37
CA THR D 157 -0.59 -1.63 21.77
C THR D 157 -0.38 -0.13 21.91
N LEU D 158 0.51 0.43 21.09
CA LEU D 158 0.75 1.86 21.12
C LEU D 158 -0.52 2.64 20.79
N ALA D 159 -1.42 2.03 20.01
CA ALA D 159 -2.65 2.71 19.62
C ALA D 159 -3.60 2.93 20.79
N VAL D 160 -3.47 2.15 21.86
CA VAL D 160 -4.30 2.35 23.05
C VAL D 160 -4.15 3.78 23.56
N LEU D 161 -2.95 4.33 23.44
CA LEU D 161 -2.66 5.65 23.98
C LEU D 161 -3.14 6.77 23.06
N GLY D 162 -3.32 6.48 21.78
CA GLY D 162 -3.79 7.48 20.83
C GLY D 162 -3.29 7.13 19.44
N GLY D 163 -3.40 8.10 18.55
CA GLY D 163 -2.92 7.91 17.19
C GLY D 163 -1.44 7.57 17.16
N THR D 164 -1.07 6.78 16.16
CA THR D 164 0.32 6.34 15.97
C THR D 164 0.81 6.95 14.66
N ASP D 165 1.63 7.99 14.76
CA ASP D 165 2.12 8.72 13.61
C ASP D 165 3.62 8.49 13.45
N TYR D 166 3.97 7.45 12.69
CA TYR D 166 5.36 7.12 12.42
C TYR D 166 5.95 8.14 11.44
N VAL D 167 7.07 8.75 11.84
CA VAL D 167 7.68 9.85 11.07
C VAL D 167 9.02 9.47 10.49
N GLY D 168 9.50 8.25 10.70
CA GLY D 168 10.74 7.85 10.09
C GLY D 168 11.64 7.00 10.95
N GLU D 169 12.80 6.61 10.40
CA GLU D 169 13.67 5.65 11.05
C GLU D 169 14.59 6.29 12.08
N ASP D 170 14.93 7.57 11.88
CA ASP D 170 15.83 8.23 12.81
C ASP D 170 15.16 8.32 14.17
N PRO D 171 15.77 7.79 15.24
CA PRO D 171 15.09 7.86 16.56
C PRO D 171 14.86 9.28 17.06
N GLY D 172 15.58 10.27 16.54
CA GLY D 172 15.36 11.65 16.95
C GLY D 172 14.23 12.36 16.26
N LEU D 173 13.70 11.78 15.19
CA LEU D 173 12.67 12.45 14.40
C LEU D 173 11.40 12.69 15.22
N ALA D 174 11.01 11.73 16.07
CA ALA D 174 9.79 11.90 16.84
C ALA D 174 9.89 13.09 17.79
N GLN D 175 11.07 13.30 18.38
CA GLN D 175 11.28 14.46 19.26
C GLN D 175 11.34 15.75 18.46
N LEU D 176 11.94 15.69 17.28
CA LEU D 176 12.04 16.89 16.45
C LEU D 176 10.66 17.37 16.04
N TYR D 177 9.81 16.45 15.58
CA TYR D 177 8.44 16.80 15.26
C TYR D 177 7.74 17.39 16.49
N TYR D 178 7.91 16.75 17.64
CA TYR D 178 7.25 17.18 18.89
C TYR D 178 7.68 18.60 19.26
N GLN D 179 8.97 18.88 19.17
CA GLN D 179 9.45 20.20 19.55
C GLN D 179 9.01 21.26 18.54
N ALA D 180 8.98 20.91 17.25
CA ALA D 180 8.51 21.85 16.23
C ALA D 180 7.03 22.19 16.44
N GLN D 181 6.22 21.20 16.78
CA GLN D 181 4.82 21.46 17.08
C GLN D 181 4.68 22.38 18.29
N LEU D 182 5.46 22.15 19.33
CA LEU D 182 5.37 23.00 20.52
C LEU D 182 5.97 24.38 20.25
N ASP D 183 6.96 24.46 19.36
CA ASP D 183 7.48 25.74 18.88
C ASP D 183 6.34 26.58 18.32
N ILE D 184 5.46 25.96 17.52
CA ILE D 184 4.29 26.70 17.02
C ILE D 184 3.33 27.03 18.15
N PHE D 185 3.04 26.04 18.99
CA PHE D 185 2.03 26.24 20.03
C PHE D 185 2.38 27.41 20.94
N TRP D 186 3.57 27.35 21.55
CA TRP D 186 3.90 28.35 22.56
C TRP D 186 4.09 29.73 21.95
N THR D 187 4.71 29.81 20.77
CA THR D 187 4.86 31.10 20.11
C THR D 187 3.51 31.65 19.68
N THR D 188 2.60 30.79 19.21
CA THR D 188 1.28 31.25 18.80
C THR D 188 0.46 31.69 20.01
N MET D 189 0.54 30.96 21.13
CA MET D 189 -0.12 31.39 22.36
C MET D 189 0.35 32.78 22.75
N THR D 190 1.68 32.98 22.75
CA THR D 190 2.24 34.25 23.14
C THR D 190 1.73 35.36 22.22
N ALA D 191 1.57 35.05 20.92
CA ALA D 191 1.10 36.04 19.96
C ALA D 191 -0.37 36.39 20.24
N TYR D 192 -1.21 35.39 20.50
CA TYR D 192 -2.60 35.67 20.85
C TYR D 192 -2.69 36.57 22.07
N LEU D 193 -1.93 36.24 23.12
CA LEU D 193 -1.95 37.03 24.34
C LEU D 193 -1.45 38.44 24.10
N HIS D 194 -0.38 38.59 23.29
CA HIS D 194 0.11 39.94 23.00
C HIS D 194 -0.95 40.76 22.27
N ALA D 195 -1.62 40.15 21.28
CA ALA D 195 -2.65 40.86 20.53
C ALA D 195 -3.84 41.20 21.42
N THR D 196 -4.25 40.26 22.29
CA THR D 196 -5.32 40.56 23.24
C THR D 196 -4.95 41.69 24.17
N ALA D 197 -3.66 41.80 24.52
CA ALA D 197 -3.24 42.94 25.32
C ALA D 197 -3.27 44.23 24.50
N LEU D 198 -2.93 44.16 23.21
CA LEU D 198 -2.95 45.39 22.41
C LEU D 198 -4.36 45.99 22.33
N VAL D 199 -5.36 45.17 22.03
CA VAL D 199 -6.72 45.71 21.97
C VAL D 199 -7.22 46.03 23.37
N GLY D 200 -6.79 45.27 24.37
CA GLY D 200 -7.14 45.58 25.73
C GLY D 200 -6.66 46.93 26.22
N SER D 201 -5.61 47.46 25.60
CA SER D 201 -5.13 48.80 25.91
C SER D 201 -6.21 49.88 25.80
N GLU D 202 -7.24 49.66 24.99
CA GLU D 202 -8.32 50.62 24.81
C GLU D 202 -9.64 50.09 25.34
N GLY D 203 -9.60 49.05 26.16
CA GLY D 203 -10.78 48.56 26.83
C GLY D 203 -11.48 47.38 26.19
N VAL D 204 -10.98 46.88 25.08
CA VAL D 204 -11.61 45.76 24.39
C VAL D 204 -11.43 44.52 25.25
N PRO D 205 -12.52 43.90 25.74
CA PRO D 205 -12.36 42.66 26.51
C PRO D 205 -11.78 41.54 25.66
N ALA D 206 -11.11 40.59 26.31
CA ALA D 206 -10.56 39.46 25.58
C ALA D 206 -11.65 38.66 24.88
N GLU D 207 -12.82 38.52 25.52
CA GLU D 207 -13.92 37.77 24.91
C GLU D 207 -14.51 38.49 23.70
N GLU D 208 -14.31 39.81 23.62
CA GLU D 208 -14.77 40.56 22.46
C GLU D 208 -13.84 40.37 21.26
N PHE D 209 -12.53 40.29 21.52
CA PHE D 209 -11.54 40.14 20.47
C PHE D 209 -11.32 38.69 20.09
N LEU D 210 -11.56 37.76 21.01
CA LEU D 210 -11.30 36.35 20.72
C LEU D 210 -11.99 35.85 19.46
N PRO D 211 -13.27 36.13 19.22
CA PRO D 211 -13.89 35.68 17.96
C PRO D 211 -13.08 36.04 16.72
N TYR D 212 -12.46 37.22 16.72
CA TYR D 212 -11.67 37.65 15.58
C TYR D 212 -10.34 36.93 15.52
N ALA D 213 -9.62 36.88 16.65
CA ALA D 213 -8.39 36.11 16.71
C ALA D 213 -8.61 34.67 16.26
N THR D 214 -9.70 34.04 16.71
CA THR D 214 -10.02 32.68 16.29
C THR D 214 -10.17 32.61 14.77
N GLU D 215 -10.84 33.62 14.17
CA GLU D 215 -10.98 33.65 12.72
C GLU D 215 -9.62 33.83 12.02
N MET D 216 -8.67 34.48 12.68
CA MET D 216 -7.35 34.65 12.10
C MET D 216 -6.61 33.32 12.02
N PHE D 217 -6.61 32.56 13.13
CA PHE D 217 -5.97 31.25 13.12
C PHE D 217 -6.61 30.33 12.09
N ASP D 218 -7.94 30.34 12.01
CA ASP D 218 -8.65 29.60 10.98
C ASP D 218 -8.49 30.20 9.59
N SER D 219 -7.83 31.35 9.48
CA SER D 219 -7.69 32.05 8.22
C SER D 219 -6.30 31.86 7.61
N SER D 221 -4.01 27.49 5.04
CA SER D 221 -4.51 27.58 3.67
C SER D 221 -3.38 27.98 2.73
N PHE D 222 -3.04 29.27 2.71
CA PHE D 222 -1.88 29.73 1.98
C PHE D 222 -0.60 29.07 2.50
N LEU D 223 -0.64 28.51 3.70
CA LEU D 223 0.52 27.81 4.24
C LEU D 223 1.03 26.76 3.25
N GLU D 224 0.11 26.14 2.51
CA GLU D 224 0.52 25.25 1.43
C GLU D 224 1.45 25.96 0.46
N GLU D 225 1.06 27.16 0.02
CA GLU D 225 1.91 27.92 -0.89
C GLU D 225 3.29 28.14 -0.29
N MET D 226 3.36 28.52 0.98
CA MET D 226 4.65 28.71 1.63
C MET D 226 5.45 27.41 1.64
N ALA D 227 4.79 26.28 1.92
CA ALA D 227 5.49 25.00 1.94
C ALA D 227 6.09 24.67 0.57
N GLU D 228 5.33 24.92 -0.51
CA GLU D 228 5.88 24.72 -1.85
C GLU D 228 7.10 25.58 -2.07
N GLN D 229 7.01 26.86 -1.71
CA GLN D 229 8.12 27.79 -1.90
C GLN D 229 9.38 27.33 -1.19
N ILE D 230 9.23 26.92 0.08
CA ILE D 230 10.39 26.49 0.85
C ILE D 230 11.04 25.26 0.22
N ASP D 231 10.22 24.29 -0.18
CA ASP D 231 10.75 23.06 -0.74
C ASP D 231 11.41 23.28 -2.10
N ALA D 232 10.98 24.30 -2.84
CA ALA D 232 11.60 24.64 -4.11
C ALA D 232 12.75 25.63 -3.97
N GLY D 233 12.91 26.26 -2.81
CA GLY D 233 13.86 27.34 -2.69
C GLY D 233 13.49 28.57 -3.48
N GLU D 234 12.22 28.75 -3.80
CA GLU D 234 11.74 29.84 -4.65
C GLU D 234 10.82 30.74 -3.85
N TYR D 235 11.20 32.01 -3.76
CA TYR D 235 10.50 33.00 -2.93
C TYR D 235 10.01 34.14 -3.81
N PRO D 236 9.15 33.84 -4.78
CA PRO D 236 8.70 34.87 -5.72
C PRO D 236 7.95 35.99 -5.00
N GLY D 237 8.54 37.18 -4.97
CA GLY D 237 7.87 38.34 -4.43
C GLY D 237 6.98 39.01 -5.45
N ASP D 238 5.71 38.64 -5.47
CA ASP D 238 4.78 39.19 -6.45
C ASP D 238 3.96 40.30 -5.81
N GLU D 239 2.82 39.95 -5.19
CA GLU D 239 1.95 40.96 -4.62
C GLU D 239 2.57 41.56 -3.36
N ASP D 240 2.97 40.69 -2.43
CA ASP D 240 3.45 41.10 -1.11
C ASP D 240 4.91 40.69 -0.97
N THR D 241 5.74 41.65 -0.62
CA THR D 241 7.15 41.40 -0.37
C THR D 241 7.43 41.27 1.13
N LEU D 242 8.58 40.69 1.44
CA LEU D 242 9.05 40.65 2.83
C LEU D 242 9.23 42.07 3.35
N ALA D 243 9.66 43.00 2.50
CA ALA D 243 9.78 44.39 2.92
C ALA D 243 8.42 44.98 3.27
N MET D 244 7.38 44.60 2.51
CA MET D 244 6.04 45.08 2.84
C MET D 244 5.58 44.51 4.17
N GLY D 245 5.92 43.27 4.46
CA GLY D 245 5.62 42.71 5.77
C GLY D 245 6.38 43.41 6.88
N ALA D 246 7.65 43.73 6.64
CA ALA D 246 8.41 44.47 7.64
C ALA D 246 7.76 45.82 7.92
N ALA D 247 7.16 46.43 6.90
CA ALA D 247 6.42 47.67 7.13
C ALA D 247 5.23 47.41 8.05
N GLY D 248 4.56 46.28 7.86
CA GLY D 248 3.45 45.93 8.73
C GLY D 248 3.89 45.71 10.16
N VAL D 249 5.03 45.03 10.34
CA VAL D 249 5.55 44.75 11.68
C VAL D 249 5.92 46.05 12.39
N ASP D 250 6.48 47.01 11.64
CA ASP D 250 6.84 48.28 12.24
C ASP D 250 5.61 49.00 12.79
N HIS D 251 4.48 48.86 12.09
CA HIS D 251 3.24 49.44 12.58
C HIS D 251 2.78 48.75 13.86
N ILE D 252 2.99 47.43 13.93
CA ILE D 252 2.64 46.69 15.14
C ILE D 252 3.53 47.13 16.29
N VAL D 253 4.83 47.28 16.04
CA VAL D 253 5.73 47.74 17.09
C VAL D 253 5.32 49.12 17.59
N HIS D 254 5.04 50.03 16.66
CA HIS D 254 4.69 51.40 17.04
C HIS D 254 3.35 51.44 17.77
N ALA D 255 2.34 50.72 17.26
CA ALA D 255 1.07 50.66 17.96
C ALA D 255 1.24 50.09 19.37
N SER D 256 2.13 49.10 19.53
CA SER D 256 2.36 48.48 20.83
C SER D 256 3.01 49.47 21.78
N ARG D 257 4.00 50.22 21.28
CA ARG D 257 4.65 51.23 22.12
C ARG D 257 3.66 52.32 22.51
N ASP D 258 2.93 52.85 21.54
CA ASP D 258 1.94 53.87 21.83
C ASP D 258 0.93 53.40 22.87
N ALA D 259 0.59 52.11 22.86
CA ALA D 259 -0.41 51.58 23.76
C ALA D 259 0.14 51.24 25.13
N GLY D 260 1.44 51.36 25.35
CA GLY D 260 2.01 50.98 26.63
C GLY D 260 2.08 49.48 26.86
N ILE D 261 2.23 48.71 25.79
CA ILE D 261 2.26 47.26 25.81
C ILE D 261 3.69 46.82 25.60
N ASP D 262 3.97 45.55 25.89
CA ASP D 262 5.28 45.01 25.59
C ASP D 262 5.61 45.20 24.12
N THR D 263 6.86 45.55 23.84
CA THR D 263 7.34 45.63 22.46
C THR D 263 8.37 44.57 22.15
N ALA D 264 8.75 43.73 23.11
CA ALA D 264 9.83 42.78 22.88
C ALA D 264 9.43 41.73 21.83
N LEU D 265 8.21 41.22 21.92
CA LEU D 265 7.78 40.21 20.94
C LEU D 265 7.76 40.77 19.53
N PRO D 266 7.04 41.87 19.25
CA PRO D 266 7.08 42.40 17.87
C PRO D 266 8.47 42.85 17.46
N GLU D 267 9.28 43.34 18.39
CA GLU D 267 10.63 43.76 18.02
C GLU D 267 11.49 42.56 17.63
N ALA D 268 11.26 41.40 18.26
CA ALA D 268 11.96 40.20 17.83
C ALA D 268 11.57 39.80 16.41
N VAL D 269 10.28 39.91 16.08
CA VAL D 269 9.85 39.64 14.71
C VAL D 269 10.48 40.65 13.76
N LYS D 270 10.43 41.93 14.12
CA LYS D 270 11.01 42.97 13.29
C LYS D 270 12.50 42.71 13.04
N ALA D 271 13.23 42.34 14.09
CA ALA D 271 14.68 42.12 13.94
C ALA D 271 14.97 41.00 12.96
N LEU D 272 14.13 39.96 12.94
CA LEU D 272 14.31 38.88 11.98
C LEU D 272 14.06 39.38 10.55
N PHE D 273 13.04 40.21 10.36
CA PHE D 273 12.80 40.81 9.05
C PHE D 273 14.00 41.63 8.59
N ARG D 274 14.60 42.38 9.52
CA ARG D 274 15.75 43.21 9.18
C ARG D 274 16.92 42.35 8.72
N ARG D 275 17.18 41.23 9.41
CA ARG D 275 18.20 40.29 8.94
C ARG D 275 17.89 39.82 7.53
N ALA D 276 16.62 39.52 7.25
CA ALA D 276 16.25 39.04 5.93
C ALA D 276 16.45 40.12 4.87
N ILE D 277 16.09 41.36 5.19
CA ILE D 277 16.31 42.46 4.23
C ILE D 277 17.80 42.69 4.04
N ALA D 278 18.58 42.64 5.13
CA ALA D 278 20.02 42.81 5.01
C ALA D 278 20.64 41.72 4.14
N ALA D 279 20.05 40.53 4.13
CA ALA D 279 20.51 39.44 3.27
C ALA D 279 19.97 39.53 1.85
N GLY D 280 19.21 40.57 1.52
CA GLY D 280 18.76 40.76 0.16
C GLY D 280 17.49 40.05 -0.22
N HIS D 281 16.57 39.85 0.72
CA HIS D 281 15.30 39.20 0.44
C HIS D 281 14.13 40.16 0.54
N GLY D 282 14.40 41.47 0.62
CA GLY D 282 13.33 42.43 0.81
C GLY D 282 12.28 42.39 -0.28
N GLU D 283 12.71 42.15 -1.51
CA GLU D 283 11.80 42.09 -2.65
C GLU D 283 11.36 40.66 -2.96
N ASP D 284 11.76 39.67 -2.16
CA ASP D 284 11.24 38.32 -2.25
C ASP D 284 9.96 38.19 -1.44
N SER D 285 9.28 37.05 -1.59
CA SER D 285 8.16 36.71 -0.73
C SER D 285 8.59 36.66 0.73
N PHE D 286 7.60 36.78 1.62
CA PHE D 286 7.92 36.73 3.05
C PHE D 286 8.41 35.35 3.47
N THR D 287 8.06 34.30 2.72
CA THR D 287 8.60 32.97 3.00
C THR D 287 10.12 32.96 3.01
N SER D 288 10.75 33.88 2.30
CA SER D 288 12.20 34.00 2.27
C SER D 288 12.81 34.20 3.65
N LEU D 289 12.01 34.58 4.65
CA LEU D 289 12.58 34.76 5.99
C LEU D 289 13.21 33.49 6.52
N ILE D 290 12.70 32.33 6.10
CA ILE D 290 13.25 31.06 6.56
C ILE D 290 14.76 31.01 6.34
N GLU D 291 15.25 31.67 5.28
CA GLU D 291 16.68 31.67 5.02
C GLU D 291 17.44 32.33 6.16
N VAL D 292 16.82 33.28 6.86
CA VAL D 292 17.43 33.87 8.05
C VAL D 292 17.21 32.98 9.26
N LEU D 293 16.12 32.21 9.28
CA LEU D 293 15.81 31.39 10.44
C LEU D 293 16.63 30.12 10.48
N ARG D 294 17.02 29.61 9.31
CA ARG D 294 17.86 28.43 9.26
C ARG D 294 19.32 28.74 9.61
N LYS D 295 19.69 30.03 9.63
CA LYS D 295 21.07 30.45 9.83
C LYS D 295 21.21 31.18 11.16
N PRO D 296 21.92 30.60 12.14
CA PRO D 296 21.94 31.15 13.51
C PRO D 296 22.05 32.67 13.60
N ALA D 297 23.15 33.23 13.10
CA ALA D 297 23.47 34.67 13.13
C ALA D 297 24.68 34.92 14.01
PA NAP E . -15.12 -26.05 -2.47
O1A NAP E . -16.36 -26.64 -3.06
O2A NAP E . -15.25 -24.84 -1.62
O5B NAP E . -14.33 -27.16 -1.66
C5B NAP E . -15.09 -28.31 -1.24
C4B NAP E . -14.25 -29.14 -0.32
O4B NAP E . -14.79 -29.03 1.02
C3B NAP E . -14.23 -30.64 -0.62
O3B NAP E . -13.04 -31.25 -0.13
C2B NAP E . -15.49 -31.06 0.12
O2B NAP E . -15.65 -32.42 0.49
C1B NAP E . -15.26 -30.30 1.41
N9A NAP E . -16.48 -30.17 2.21
C8A NAP E . -17.51 -29.29 2.01
N7A NAP E . -18.47 -29.43 2.89
C5A NAP E . -18.05 -30.47 3.70
C6A NAP E . -18.62 -31.10 4.82
N6A NAP E . -19.81 -30.75 5.32
N1A NAP E . -17.94 -32.11 5.39
C2A NAP E . -16.76 -32.45 4.87
N3A NAP E . -16.11 -31.95 3.83
C4A NAP E . -16.82 -30.94 3.28
O3 NAP E . -14.10 -25.76 -3.66
PN NAP E . -12.58 -25.29 -3.70
O1N NAP E . -12.33 -24.59 -4.99
O2N NAP E . -11.72 -26.46 -3.36
O5D NAP E . -12.54 -24.23 -2.51
C5D NAP E . -11.79 -24.49 -1.31
C4D NAP E . -11.78 -23.25 -0.46
O4D NAP E . -10.84 -22.31 -1.01
C3D NAP E . -13.13 -22.50 -0.38
O3D NAP E . -13.36 -21.95 0.90
C2D NAP E . -12.98 -21.40 -1.43
O2D NAP E . -13.70 -20.22 -1.09
C1D NAP E . -11.49 -21.10 -1.34
N1N NAP E . -10.89 -20.59 -2.60
C2N NAP E . -11.28 -21.11 -3.82
C3N NAP E . -10.71 -20.63 -4.99
C7N NAP E . -11.14 -21.18 -6.31
O7N NAP E . -11.60 -22.32 -6.38
N7N NAP E . -11.01 -20.39 -7.37
C4N NAP E . -9.73 -19.64 -4.92
C5N NAP E . -9.35 -19.15 -3.70
C6N NAP E . -9.92 -19.62 -2.54
P2B NAP E . -16.05 -33.36 -0.74
O1X NAP E . -16.00 -34.70 -0.10
O2X NAP E . -17.38 -33.05 -1.35
O3X NAP E . -14.94 -33.14 -1.69
H51A NAP E . -15.34 -28.86 -2.03
H52A NAP E . -15.91 -28.03 -0.78
H4B NAP E . -13.33 -28.79 -0.31
H3B NAP E . -14.32 -30.79 -1.59
HO3A NAP E . -12.69 -30.73 0.43
H2B NAP E . -16.30 -30.74 -0.35
H1B NAP E . -14.58 -30.76 1.94
H8A NAP E . -17.51 -28.65 1.33
H61A NAP E . -20.48 -30.59 4.80
H62A NAP E . -19.90 -30.69 6.20
H2A NAP E . -16.32 -33.17 5.31
H51N NAP E . -10.86 -24.75 -1.54
H52N NAP E . -12.21 -25.24 -0.81
H4D NAP E . -11.50 -23.49 0.44
H3D NAP E . -13.87 -23.11 -0.62
HO3N NAP E . -13.76 -21.20 0.80
H2D NAP E . -13.24 -21.71 -2.31
HO2N NAP E . -13.21 -19.54 -1.23
H1D NAP E . -11.31 -20.42 -0.62
H2N NAP E . -11.94 -21.78 -3.86
H71N NAP E . -10.97 -20.75 -8.18
H72N NAP E . -10.94 -19.51 -7.29
H4N NAP E . -9.34 -19.31 -5.71
H5N NAP E . -8.69 -18.48 -3.65
H6N NAP E . -9.66 -19.28 -1.71
PA NAP F . 28.80 -10.28 -13.46
O1A NAP F . 30.12 -10.42 -14.12
O2A NAP F . 28.75 -10.40 -11.98
O5B NAP F . 28.13 -8.90 -13.90
C5B NAP F . 28.29 -8.59 -15.30
C4B NAP F . 27.42 -7.43 -15.69
O4B NAP F . 27.86 -6.24 -14.98
C3B NAP F . 27.47 -7.06 -17.17
O3B NAP F . 26.26 -6.48 -17.61
C2B NAP F . 28.62 -6.05 -17.17
O2B NAP F . 28.65 -5.21 -18.32
C1B NAP F . 28.22 -5.27 -15.93
N9A NAP F . 29.28 -4.44 -15.38
C8A NAP F . 30.28 -4.82 -14.53
N7A NAP F . 31.08 -3.85 -14.20
C5A NAP F . 30.58 -2.74 -14.87
C6A NAP F . 31.00 -1.40 -14.93
N6A NAP F . 32.05 -0.93 -14.28
N1A NAP F . 30.27 -0.56 -15.70
C2A NAP F . 29.20 -1.05 -16.35
N3A NAP F . 28.72 -2.28 -16.37
C4A NAP F . 29.47 -3.10 -15.61
O3 NAP F . 27.79 -11.33 -14.12
PN NAP F . 26.44 -12.00 -13.61
O1N NAP F . 26.68 -13.46 -13.42
O2N NAP F . 25.34 -11.60 -14.52
O5D NAP F . 26.26 -11.32 -12.19
C5D NAP F . 25.21 -10.35 -11.97
C4D NAP F . 25.07 -10.13 -10.48
O4D NAP F . 24.31 -11.22 -9.92
C3D NAP F . 26.38 -10.09 -9.71
O3D NAP F . 26.34 -9.16 -8.64
C2D NAP F . 26.50 -11.52 -9.17
O2D NAP F . 27.26 -11.60 -7.96
C1D NAP F . 25.05 -11.82 -8.87
N1N NAP F . 24.72 -13.26 -8.84
C2N NAP F . 25.16 -14.11 -9.83
C3N NAP F . 24.86 -15.46 -9.77
C7N NAP F . 25.34 -16.38 -10.86
O7N NAP F . 25.82 -15.91 -11.89
N7N NAP F . 25.21 -17.69 -10.66
C4N NAP F . 24.13 -15.97 -8.70
C5N NAP F . 23.70 -15.10 -7.71
C6N NAP F . 24.00 -13.76 -7.79
P2B NAP F . 28.99 -5.98 -19.69
O1X NAP F . 28.98 -4.87 -20.71
O2X NAP F . 30.32 -6.68 -19.63
O3X NAP F . 27.88 -6.97 -19.93
H51A NAP F . 28.04 -9.38 -15.85
H52A NAP F . 29.24 -8.36 -15.49
H4B NAP F . 26.49 -7.63 -15.43
H3B NAP F . 27.70 -7.85 -17.71
HO3A NAP F . 26.43 -5.89 -18.20
H2B NAP F . 29.48 -6.50 -17.04
H1B NAP F . 27.44 -4.70 -16.14
H8A NAP F . 30.38 -5.71 -14.21
H61A NAP F . 32.84 -0.95 -14.66
H62A NAP F . 31.94 -0.59 -13.48
H2A NAP F . 28.72 -0.42 -16.87
H51N NAP F . 24.35 -10.67 -12.35
H52N NAP F . 25.44 -9.49 -12.41
H4D NAP F . 24.58 -9.29 -10.34
H3D NAP F . 27.14 -9.88 -10.31
HO3N NAP F . 26.00 -8.44 -8.91
H2D NAP F . 26.88 -12.12 -9.86
HO2N NAP F . 27.07 -10.92 -7.48
H1D NAP F . 24.78 -11.41 -8.02
H2N NAP F . 25.67 -13.76 -10.56
H71N NAP F . 25.30 -18.03 -9.85
H72N NAP F . 25.03 -18.24 -11.34
H4N NAP F . 23.91 -16.87 -8.66
H5N NAP F . 23.20 -15.43 -6.99
H6N NAP F . 23.71 -13.17 -7.11
PA NAP G . -19.81 23.96 -13.38
O1A NAP G . -19.58 24.38 -11.97
O2A NAP G . -20.76 22.83 -13.61
O5B NAP G . -20.27 25.22 -14.25
C5B NAP G . -21.36 25.05 -15.19
C4B NAP G . -21.63 26.34 -15.91
O4B NAP G . -23.07 26.47 -16.04
C3B NAP G . -21.15 27.65 -15.26
O3B NAP G . -20.52 28.47 -16.22
C2B NAP G . -22.43 28.28 -14.71
O2B NAP G . -22.40 29.70 -14.75
C1B NAP G . -23.45 27.79 -15.73
N9A NAP G . -24.81 27.78 -15.22
C8A NAP G . -25.35 26.92 -14.31
N7A NAP G . -26.60 27.16 -14.04
C5A NAP G . -26.91 28.25 -14.82
C6A NAP G . -28.10 28.99 -14.99
N6A NAP G . -29.23 28.72 -14.36
N1A NAP G . -28.07 30.04 -15.86
C2A NAP G . -26.93 30.30 -16.50
N3A NAP G . -25.76 29.68 -16.43
C4A NAP G . -25.81 28.65 -15.56
O3 NAP G . -18.41 23.63 -14.08
PN NAP G . -17.61 22.27 -14.23
O1N NAP G . -18.24 21.26 -13.34
O2N NAP G . -16.15 22.54 -14.04
O5D NAP G . -17.87 21.86 -15.76
C5D NAP G . -19.07 22.30 -16.45
C4D NAP G . -19.95 21.13 -16.70
O4D NAP G . -19.37 20.28 -17.71
C3D NAP G . -20.20 20.17 -15.52
O3D NAP G . -21.21 20.61 -14.63
C2D NAP G . -20.71 18.94 -16.27
O2D NAP G . -22.08 19.18 -16.58
C1D NAP G . -19.81 18.94 -17.49
N1N NAP G . -18.61 18.08 -17.33
C2N NAP G . -17.62 18.45 -16.45
C3N NAP G . -16.51 17.64 -16.30
C7N NAP G . -15.42 18.03 -15.35
O7N NAP G . -15.62 18.94 -14.53
N7N NAP G . -14.27 17.38 -15.40
C4N NAP G . -16.39 16.47 -17.05
C5N NAP G . -17.39 16.12 -17.92
C6N NAP G . -18.50 16.93 -18.06
P2B NAP G . -21.74 30.37 -13.46
O1X NAP G . -22.27 31.77 -13.53
O2X NAP G . -20.25 30.29 -13.68
O3X NAP G . -22.14 29.68 -12.18
H51A NAP G . -22.17 24.76 -14.71
H52A NAP G . -21.13 24.35 -15.85
H4B NAP G . -21.25 26.28 -16.80
H3B NAP G . -20.53 27.47 -14.51
HO3A NAP G . -21.00 28.50 -16.91
H2B NAP G . -22.63 27.94 -13.81
H1B NAP G . -23.40 28.35 -16.54
H8A NAP G . -24.85 26.21 -13.92
H61A NAP G . -29.29 28.89 -13.50
H62A NAP G . -29.91 28.38 -14.80
H2A NAP G . -26.96 31.04 -17.09
H51N NAP G . -18.82 22.72 -17.31
H52N NAP G . -19.54 22.97 -15.91
H4D NAP G . -20.82 21.45 -17.03
H3D NAP G . -19.37 19.95 -15.04
HO3N NAP G . -21.94 20.28 -14.90
H2D NAP G . -20.60 18.12 -15.73
HO2N NAP G . -22.14 19.71 -17.23
H1D NAP G . -20.31 18.63 -18.29
H2N NAP G . -17.69 19.24 -15.95
H71N NAP G . -13.88 17.24 -16.18
H72N NAP G . -13.90 17.07 -14.66
H4N NAP G . -15.63 15.93 -16.95
H5N NAP G . -17.33 15.33 -18.43
H6N NAP G . -19.18 16.70 -18.67
PA NAP H . 7.31 14.06 35.24
O1A NAP H . 7.53 14.97 36.41
O2A NAP H . 8.20 14.21 34.07
O5B NAP H . 7.31 12.54 35.74
C5B NAP H . 8.41 11.70 35.30
C4B NAP H . 8.77 10.75 36.41
O4B NAP H . 10.19 10.46 36.35
C3B NAP H . 8.55 11.26 37.84
O3B NAP H . 7.25 10.90 38.27
C2B NAP H . 9.67 10.60 38.64
O2B NAP H . 9.18 9.55 39.50
C1B NAP H . 10.58 9.96 37.59
N9A NAP H . 11.98 10.29 37.80
C8A NAP H . 12.59 11.49 37.53
N7A NAP H . 13.87 11.50 37.81
C5A NAP H . 14.12 10.23 38.29
C6A NAP H . 15.29 9.61 38.76
N6A NAP H . 16.47 10.21 38.81
N1A NAP H . 15.20 8.32 39.17
C2A NAP H . 14.01 7.72 39.12
N3A NAP H . 12.85 8.20 38.70
C4A NAP H . 12.96 9.47 38.29
O3 NAP H . 5.79 14.22 34.74
PN NAP H . 4.94 13.50 33.59
O1N NAP H . 3.71 14.29 33.36
O2N NAP H . 4.79 12.06 33.95
O5D NAP H . 5.92 13.64 32.34
C5D NAP H . 6.69 12.48 31.93
C4D NAP H . 7.45 12.80 30.66
O4D NAP H . 6.49 12.99 29.60
C3D NAP H . 8.29 14.08 30.71
O3D NAP H . 9.51 13.95 29.98
C2D NAP H . 7.38 15.12 30.03
O2D NAP H . 8.11 16.14 29.37
C1D NAP H . 6.69 14.25 28.98
N1N NAP H . 5.38 14.74 28.54
C2N NAP H . 4.46 15.18 29.47
C3N NAP H . 3.22 15.64 29.04
C7N NAP H . 2.21 16.12 30.04
O7N NAP H . 1.41 17.01 29.72
N7N NAP H . 2.22 15.58 31.26
C4N NAP H . 2.90 15.65 27.69
C5N NAP H . 3.84 15.21 26.78
C6N NAP H . 5.06 14.76 27.20
P2B NAP H . 8.60 10.07 40.92
O1X NAP H . 8.91 11.53 41.14
O2X NAP H . 7.12 9.86 40.83
O3X NAP H . 9.25 9.17 41.94
H51A NAP H . 9.18 12.26 35.08
H52A NAP H . 8.14 11.19 34.50
H4B NAP H . 8.28 9.91 36.28
H3B NAP H . 8.67 12.24 37.86
HO3A NAP H . 7.18 10.05 38.24
H2B NAP H . 10.16 11.27 39.17
H1B NAP H . 10.47 8.99 37.62
H8A NAP H . 12.14 12.23 37.18
H61A NAP H . 16.53 11.08 38.65
H62A NAP H . 17.18 9.75 39.01
H2A NAP H . 14.00 6.82 39.41
H51N NAP H . 6.10 11.71 31.78
H52N NAP H . 7.34 12.24 32.65
H4D NAP H . 8.01 12.04 30.45
H3D NAP H . 8.47 14.35 31.64
HO3N NAP H . 9.78 13.14 30.04
H2D NAP H . 6.73 15.49 30.67
HO2N NAP H . 8.85 15.82 29.10
H1D NAP H . 7.28 14.14 28.19
H2N NAP H . 4.67 15.17 30.39
H71N NAP H . 2.97 15.25 31.61
H72N NAP H . 1.47 15.55 31.73
H4N NAP H . 2.07 15.97 27.40
H5N NAP H . 3.64 15.21 25.86
H6N NAP H . 5.70 14.46 26.58
#